data_6ZIU
#
_entry.id   6ZIU
#
_cell.length_a   1.00
_cell.length_b   1.00
_cell.length_c   1.00
_cell.angle_alpha   90.00
_cell.angle_beta   90.00
_cell.angle_gamma   90.00
#
_symmetry.space_group_name_H-M   'P 1'
#
loop_
_entity.id
_entity.type
_entity.pdbx_description
1 polymer 'ATP synthase protein 8'
2 polymer 'ATP synthase subunit a'
3 polymer 'ATP synthase subunit d, mitochondrial'
4 polymer 'ATP synthase subunit e, mitochondrial'
5 polymer 'ATP synthase subunit f, mitochondrial'
6 polymer 'ATP synthase subunit g, mitochondrial'
7 polymer 'ATP synthase subunit ATP5MPL, mitochondrial'
8 polymer 'ATP synthase F(0) complex subunit B1, mitochondrial'
9 polymer 'ATP synthase-coupling factor 6, mitochondrial'
10 polymer 'ATP synthase subunit O, mitochondrial'
11 polymer 'ATP synthase subunit alpha, mitochondrial'
#
loop_
_entity_poly.entity_id
_entity_poly.type
_entity_poly.pdbx_seq_one_letter_code
_entity_poly.pdbx_strand_id
1 'polypeptide(L)' MPQLDTSTWLTMILSMFLTLFIIFQLKVSKHNFYHNPELTPTKMLKQNTPWETKWTKIYLPLLLPL 8
2 'polypeptide(L)'
;MNENLFTSFITPVILGLPLVTLIVLFPSLLFPTSNRLVSNRFVTLQQWMLQLVSKQMMSIHNSKGQTWTLMLMSLILFIG
STNLLGLLPHSFTPTTQLSMNLGMAIPLWAGAVITGFRNKTKASLAHFLPQGTPTPLIPMLVIIETISLFIQPMALAVRL
TANITAGHLLIHLIGGATLALMSISTTTALITFTILILLTILEFAVAMIQAYVFTLLVSLYLHDNT
;
a
3 'polypeptide(L)'
;AGRKLALKTIDWVAFGEIIPRNQKAVANSLKSWNETLTSRLATLPEKPPAIDWAYYKANVAKAGLVDDFEKKFNALKVPI
PEDKYTAQVDAEEKEDVKSCAEFLTQSKTRIQEYEKELEKMRNIIPFDQMTIEDLNEVFPETKLDKKKYPYWPHRPIETL
;
d
4 'polypeptide(L)' VPPVQVSPLIKLGRYSALFLGMAYGAKRYNYLKPRAEEERRLAAEEKKKRDEQKRIERELAEAQEDTILK e
5 'polypeptide(L)'
;ASVVPLKEKKLLEVKLGELPSWILMRDFTPSGIAGAFQRGYYRYYNKYVNVKKGSIAGLSMVLAAYVFLNYCRSYKELKH
ERLRKYH
;
f
6 'polypeptide(L)'
;AEFVRNLAEKAPALVNAAVTYSKPRLATFWYYAKVELVPPTPAEIPTAIQSLKKIINSAKTGSFKQLTVKEALLNGLVAT
EVWMWFYVGEIIGKRGIIGYDV
;
g
7 'polypeptide(L)' MLQSLIKKVWIPMKPYYTQAYQEIWVGTGLMAYIVYKIRSADKRSKALKASSAAPAHGHH j
8 'polypeptide(L)'
;PVPPLPEHGGKVRFGLIPEEFFQFLYPKTGVTGPYVLGTGLILYLLSKEIYVITPETFSAISTIGFLVYIVKKYGASVGE
FADKLNEQKIAQLEEVKQASIKQIQDAIDMEKSQQALVQKRHYLFDVQRNNIAMALEVTYRERLHRVYREVKNRLDYHIS
VQNMMRQKEQEHMINWVEKRVVQSISAQQEKETIAKCIADLKLLSKKAQAQPVM
;
b
9 'polypeptide(L)' NKELDPVQKLFVDKIREYRTKRQTSGGPVDAGPEYQQDLDRELFKLKQMYGKADMNTFPNFTFEDPKFEVVEKPQS h
10 'polypeptide(L)'
;FAKLVRPPVQIYGIEGRYATALYSAASKQNKLEQVEKELLRVGQILKEPKMAASLLNPYVKRSVKVKSLSDMTAKEKFSP
LTSNLINLLAENGRLTNTPAVISAFSTMMSVHRGEVPCTVTTASALDEATLTELKTVLKSFLSKGQVLKLEVKIDPSIMG
GMIVRIGEKYVDMSAKTKIQKLSRAMREIL
;
S
11 'polypeptide(L)'
;EKTGTAEVSSILEERILGADTSVDLEETGRVLSIGDGIARVHGLRNVQAEEMVEFSSGLKGMSLNLEPDNVGVVVFGNDK
LIKEGDIVKRTGAIVDVPVGEELLGRVVDALGNAIDGKGPIGSKARRRVGLKAPGIIPRISVREPMQTGIKAVDSLVPIG
RGQRELIIGDRQTGKTSIAIDTIINQKRFNDGTDEKKKLYCIYVAIGQKRSTVAQLVKRLTDADAMKYTIVVSATASDAA
PLQYLAPYSGCSMGEYFRDNGKHALIIYDDLSKQAVAYRQMSLLLRRPPGREAYPGDVFYLHSRLLERAAKMNDAFGGGS
LTALPVIETQAGDVSAYIPTNVISITDGQIFLETELFYKGIRPAINVGLSVSRVGSAAQTRAMKQVAGTMKLELAQYREV
AAFAQFGSDLDAATQQLLSRGVRLTELLKQGQYSPMAIEEQVAVIYAGVRGYLDKLEPSKITKFENAFLSHVISQHQALL
SKIRTDGKISEESDAKLKEIVTNFLAGFEA
;
C
#
# COMPACT_ATOMS: atom_id res chain seq x y z
N MET A 1 -13.62 -27.11 73.83
CA MET A 1 -12.71 -27.16 72.65
C MET A 1 -12.19 -25.76 72.43
N PRO A 2 -10.90 -25.61 72.09
CA PRO A 2 -10.37 -24.25 71.91
C PRO A 2 -11.15 -23.44 70.89
N GLN A 3 -11.73 -24.07 69.86
CA GLN A 3 -12.60 -23.31 68.99
C GLN A 3 -13.85 -22.79 69.69
N LEU A 4 -14.26 -23.44 70.78
CA LEU A 4 -15.65 -23.48 71.20
C LEU A 4 -16.03 -22.39 72.19
N ASP A 5 -15.13 -21.48 72.54
CA ASP A 5 -15.49 -20.41 73.47
C ASP A 5 -16.43 -19.45 72.77
N THR A 6 -17.66 -19.90 72.50
CA THR A 6 -18.61 -19.13 71.72
C THR A 6 -18.64 -17.67 72.14
N SER A 7 -18.40 -17.40 73.43
CA SER A 7 -18.21 -16.04 73.90
C SER A 7 -17.40 -15.20 72.93
N THR A 8 -16.25 -15.71 72.50
CA THR A 8 -15.34 -14.91 71.68
C THR A 8 -15.65 -15.00 70.20
N TRP A 9 -16.55 -15.89 69.79
CA TRP A 9 -16.73 -16.13 68.36
C TRP A 9 -17.15 -14.86 67.64
N LEU A 10 -18.08 -14.10 68.22
CA LEU A 10 -18.48 -12.83 67.63
C LEU A 10 -17.25 -12.05 67.17
N THR A 11 -16.25 -11.97 68.05
CA THR A 11 -15.02 -11.28 67.71
C THR A 11 -14.55 -11.67 66.32
N MET A 12 -14.23 -12.96 66.13
CA MET A 12 -13.74 -13.41 64.84
C MET A 12 -14.72 -13.04 63.74
N ILE A 13 -16.02 -13.29 63.97
CA ILE A 13 -17.01 -12.90 62.97
C ILE A 13 -16.77 -11.47 62.54
N LEU A 14 -16.83 -10.54 63.50
CA LEU A 14 -16.49 -9.16 63.20
C LEU A 14 -15.21 -9.10 62.39
N SER A 15 -14.11 -9.57 62.98
CA SER A 15 -12.82 -9.42 62.35
C SER A 15 -12.80 -9.98 60.94
N MET A 16 -13.60 -11.01 60.67
CA MET A 16 -13.64 -11.53 59.32
C MET A 16 -14.31 -10.53 58.39
N PHE A 17 -15.58 -10.21 58.66
CA PHE A 17 -16.32 -9.35 57.77
C PHE A 17 -15.58 -8.04 57.57
N LEU A 18 -15.21 -7.40 58.68
CA LEU A 18 -14.58 -6.09 58.62
C LEU A 18 -13.38 -6.12 57.69
N THR A 19 -12.69 -7.26 57.61
CA THR A 19 -11.64 -7.38 56.60
C THR A 19 -12.23 -7.59 55.22
N LEU A 20 -12.94 -8.71 55.02
CA LEU A 20 -13.25 -9.14 53.66
C LEU A 20 -14.33 -8.27 53.05
N PHE A 21 -15.52 -8.27 53.67
CA PHE A 21 -16.64 -7.55 53.09
C PHE A 21 -16.36 -6.06 52.95
N ILE A 22 -15.38 -5.55 53.69
CA ILE A 22 -15.10 -4.13 53.66
C ILE A 22 -13.76 -3.88 53.01
N ILE A 23 -12.69 -4.32 53.66
CA ILE A 23 -11.36 -3.88 53.26
C ILE A 23 -11.00 -4.41 51.89
N PHE A 24 -10.98 -5.73 51.73
CA PHE A 24 -10.54 -6.30 50.47
C PHE A 24 -11.44 -5.88 49.33
N GLN A 25 -12.74 -5.70 49.58
CA GLN A 25 -13.62 -5.24 48.52
C GLN A 25 -13.17 -3.90 47.97
N LEU A 26 -12.87 -2.95 48.85
CA LEU A 26 -12.34 -1.67 48.39
C LEU A 26 -11.01 -1.87 47.69
N LYS A 27 -10.07 -2.54 48.36
CA LYS A 27 -8.72 -2.63 47.84
C LYS A 27 -8.64 -3.33 46.49
N VAL A 28 -9.63 -4.14 46.15
CA VAL A 28 -9.75 -4.67 44.80
C VAL A 28 -10.46 -3.69 43.88
N SER A 29 -11.50 -3.02 44.38
CA SER A 29 -12.13 -1.96 43.61
C SER A 29 -11.13 -0.93 43.12
N LYS A 30 -9.99 -0.78 43.81
CA LYS A 30 -9.03 0.25 43.50
C LYS A 30 -8.04 -0.16 42.42
N HIS A 31 -8.42 -1.09 41.55
CA HIS A 31 -7.62 -1.45 40.39
C HIS A 31 -8.44 -1.15 39.14
N ASN A 32 -7.85 -1.37 37.97
CA ASN A 32 -8.37 -0.79 36.74
C ASN A 32 -8.94 -1.80 35.75
N PHE A 33 -8.13 -2.75 35.29
CA PHE A 33 -8.46 -3.54 34.10
C PHE A 33 -9.03 -2.64 33.00
N TYR A 34 -8.31 -1.54 32.76
CA TYR A 34 -8.70 -0.62 31.70
C TYR A 34 -8.57 -1.30 30.34
N HIS A 35 -9.46 -0.95 29.42
CA HIS A 35 -9.38 -1.48 28.07
C HIS A 35 -8.05 -1.10 27.44
N ASN A 36 -7.43 -2.07 26.80
CA ASN A 36 -6.30 -1.76 25.95
C ASN A 36 -6.81 -0.99 24.74
N PRO A 37 -6.24 0.16 24.42
CA PRO A 37 -6.84 1.01 23.39
C PRO A 37 -7.01 0.28 22.06
N GLU A 38 -7.76 0.89 21.15
CA GLU A 38 -8.09 0.27 19.89
C GLU A 38 -7.09 0.69 18.81
N LEU A 39 -7.27 0.17 17.61
CA LEU A 39 -6.32 0.33 16.52
C LEU A 39 -6.86 1.11 15.34
N THR A 40 -8.13 0.92 14.99
CA THR A 40 -8.71 1.48 13.77
C THR A 40 -9.15 2.93 13.97
N PRO A 41 -9.34 3.70 12.89
CA PRO A 41 -9.82 5.09 13.03
C PRO A 41 -11.09 5.19 13.86
N MET B 1 1.42 -32.91 77.39
CA MET B 1 1.36 -31.88 76.32
C MET B 1 -0.08 -31.43 76.12
N ASN B 2 -0.83 -31.36 77.21
CA ASN B 2 -2.27 -31.13 77.13
C ASN B 2 -2.59 -29.82 76.41
N GLU B 3 -1.98 -28.72 76.86
CA GLU B 3 -2.33 -27.39 76.36
C GLU B 3 -1.19 -26.72 75.60
N ASN B 4 0.06 -27.07 75.90
CA ASN B 4 1.20 -26.41 75.26
C ASN B 4 1.15 -26.49 73.74
N LEU B 5 0.28 -27.31 73.18
CA LEU B 5 0.09 -27.39 71.73
C LEU B 5 -1.10 -26.60 71.23
N PHE B 6 -2.20 -26.55 71.97
CA PHE B 6 -3.31 -25.67 71.61
C PHE B 6 -3.00 -24.20 71.89
N THR B 7 -1.89 -23.90 72.56
CA THR B 7 -1.62 -22.51 72.94
C THR B 7 -1.64 -21.60 71.72
N SER B 8 -0.96 -21.98 70.65
CA SER B 8 -0.90 -21.14 69.46
C SER B 8 -2.28 -20.90 68.86
N PHE B 9 -3.25 -21.76 69.14
CA PHE B 9 -4.58 -21.63 68.57
C PHE B 9 -5.50 -20.69 69.34
N ILE B 10 -5.13 -20.29 70.56
CA ILE B 10 -6.08 -19.55 71.38
C ILE B 10 -6.21 -18.13 70.87
N THR B 11 -7.44 -17.64 70.83
CA THR B 11 -7.67 -16.26 70.41
C THR B 11 -6.77 -15.33 71.19
N PRO B 12 -5.74 -14.74 70.56
CA PRO B 12 -4.80 -13.90 71.32
C PRO B 12 -5.41 -12.55 71.67
N VAL B 13 -5.46 -12.26 72.96
CA VAL B 13 -5.82 -10.94 73.45
C VAL B 13 -4.98 -10.63 74.68
N ILE B 14 -4.03 -9.71 74.56
CA ILE B 14 -3.14 -9.41 75.67
C ILE B 14 -3.93 -8.93 76.87
N LEU B 15 -4.89 -8.04 76.63
CA LEU B 15 -5.81 -7.54 77.64
C LEU B 15 -7.22 -7.99 77.27
N GLY B 16 -8.21 -7.49 78.00
CA GLY B 16 -9.59 -7.77 77.68
C GLY B 16 -10.04 -6.99 76.46
N LEU B 17 -9.28 -7.09 75.38
CA LEU B 17 -9.55 -6.37 74.14
C LEU B 17 -9.25 -7.27 72.95
N PRO B 18 -9.97 -7.10 71.84
CA PRO B 18 -9.79 -7.99 70.68
C PRO B 18 -8.56 -7.67 69.82
N LEU B 19 -7.41 -8.16 70.28
CA LEU B 19 -6.20 -8.08 69.46
C LEU B 19 -6.35 -8.84 68.16
N VAL B 20 -7.05 -9.98 68.20
CA VAL B 20 -7.18 -10.85 67.04
C VAL B 20 -7.51 -10.04 65.78
N THR B 21 -8.41 -9.07 65.90
CA THR B 21 -8.87 -8.36 64.70
C THR B 21 -7.71 -7.72 63.96
N LEU B 22 -6.78 -7.11 64.69
CA LEU B 22 -5.59 -6.55 64.03
C LEU B 22 -4.93 -7.60 63.14
N ILE B 23 -4.69 -8.79 63.68
CA ILE B 23 -4.12 -9.86 62.88
C ILE B 23 -4.98 -10.12 61.66
N VAL B 24 -6.30 -10.17 61.84
CA VAL B 24 -7.19 -10.46 60.73
C VAL B 24 -7.15 -9.36 59.68
N LEU B 25 -6.67 -8.18 60.02
CA LEU B 25 -6.67 -7.05 59.09
C LEU B 25 -5.33 -6.82 58.42
N PHE B 26 -4.23 -7.14 59.07
CA PHE B 26 -2.92 -6.83 58.53
C PHE B 26 -2.80 -7.22 57.05
N PRO B 27 -3.28 -8.41 56.66
CA PRO B 27 -3.13 -8.80 55.25
C PRO B 27 -3.53 -7.71 54.26
N SER B 28 -4.52 -6.90 54.62
CA SER B 28 -4.95 -5.84 53.72
C SER B 28 -3.78 -5.02 53.22
N LEU B 29 -3.06 -4.36 54.12
CA LEU B 29 -2.05 -3.44 53.64
C LEU B 29 -0.91 -4.15 52.97
N LEU B 30 -0.96 -5.47 52.82
CA LEU B 30 -0.08 -6.12 51.87
C LEU B 30 -0.60 -6.04 50.46
N PHE B 31 -1.64 -5.25 50.22
CA PHE B 31 -2.17 -5.03 48.89
C PHE B 31 -2.32 -3.53 48.66
N PRO B 32 -1.23 -2.77 48.67
CA PRO B 32 -1.32 -1.35 48.36
C PRO B 32 -1.88 -1.15 46.96
N THR B 33 -2.15 0.12 46.64
CA THR B 33 -2.70 0.46 45.34
C THR B 33 -2.36 1.91 45.00
N SER B 34 -2.47 2.21 43.71
CA SER B 34 -2.25 3.56 43.19
C SER B 34 -2.96 3.64 41.85
N ASN B 35 -2.66 4.70 41.10
CA ASN B 35 -3.17 4.85 39.75
C ASN B 35 -2.09 5.28 38.77
N ARG B 36 -0.83 4.97 39.03
CA ARG B 36 0.24 5.21 38.08
C ARG B 36 0.19 4.12 37.02
N LEU B 37 0.10 4.52 35.75
CA LEU B 37 0.11 3.53 34.68
C LEU B 37 1.40 2.73 34.71
N VAL B 38 2.45 3.28 35.30
CA VAL B 38 3.66 2.52 35.63
C VAL B 38 3.80 2.62 37.15
N SER B 39 3.33 1.61 37.86
CA SER B 39 3.37 1.56 39.31
C SER B 39 4.52 0.67 39.76
N ASN B 40 4.61 0.47 41.07
CA ASN B 40 5.66 -0.41 41.60
C ASN B 40 5.42 -1.84 41.16
N ARG B 41 6.52 -2.60 41.07
CA ARG B 41 6.39 -4.02 40.83
C ARG B 41 5.33 -4.63 41.74
N PHE B 42 5.53 -4.54 43.05
CA PHE B 42 4.62 -5.19 43.98
C PHE B 42 3.20 -4.66 43.84
N VAL B 43 2.98 -3.65 43.00
CA VAL B 43 1.65 -3.32 42.53
C VAL B 43 1.31 -4.04 41.22
N THR B 44 2.18 -3.95 40.22
CA THR B 44 1.86 -4.53 38.92
C THR B 44 1.70 -6.04 39.00
N LEU B 45 2.54 -6.68 39.82
CA LEU B 45 2.48 -8.13 39.93
C LEU B 45 1.14 -8.58 40.50
N GLN B 46 0.70 -7.98 41.60
CA GLN B 46 -0.61 -8.36 42.14
C GLN B 46 -1.72 -7.99 41.17
N GLN B 47 -1.55 -6.88 40.45
CA GLN B 47 -2.50 -6.53 39.41
C GLN B 47 -2.62 -7.66 38.40
N TRP B 48 -1.49 -8.21 37.98
CA TRP B 48 -1.49 -9.27 36.99
C TRP B 48 -2.00 -10.57 37.59
N MET B 49 -1.76 -10.79 38.87
CA MET B 49 -2.32 -11.98 39.52
C MET B 49 -3.84 -11.91 39.52
N LEU B 50 -4.39 -10.75 39.84
CA LEU B 50 -5.83 -10.57 39.72
C LEU B 50 -6.28 -10.84 38.30
N GLN B 51 -5.61 -10.20 37.33
CA GLN B 51 -5.87 -10.47 35.92
C GLN B 51 -5.97 -11.96 35.67
N LEU B 52 -4.89 -12.68 35.99
CA LEU B 52 -4.79 -14.10 35.70
C LEU B 52 -5.92 -14.89 36.33
N VAL B 53 -6.06 -14.80 37.66
CA VAL B 53 -7.06 -15.59 38.36
C VAL B 53 -8.45 -15.27 37.84
N SER B 54 -8.80 -13.99 37.77
CA SER B 54 -10.08 -13.59 37.19
C SER B 54 -10.33 -14.34 35.89
N LYS B 55 -9.40 -14.23 34.94
CA LYS B 55 -9.61 -14.87 33.64
C LYS B 55 -9.82 -16.36 33.81
N GLN B 56 -8.90 -17.02 34.52
CA GLN B 56 -8.93 -18.47 34.62
C GLN B 56 -10.23 -18.95 35.27
N MET B 57 -10.43 -18.63 36.54
CA MET B 57 -11.65 -19.07 37.20
C MET B 57 -12.89 -18.54 36.51
N MET B 58 -13.10 -17.23 36.56
CA MET B 58 -14.44 -16.73 36.40
C MET B 58 -14.98 -16.90 34.99
N SER B 59 -14.11 -17.28 34.04
CA SER B 59 -14.49 -17.34 32.64
C SER B 59 -15.91 -17.87 32.44
N ILE B 60 -16.22 -18.95 33.15
CA ILE B 60 -17.39 -19.77 32.81
C ILE B 60 -18.68 -18.95 32.92
N HIS B 61 -18.81 -18.18 33.99
CA HIS B 61 -20.14 -17.70 34.41
C HIS B 61 -20.75 -16.78 33.36
N ASN B 62 -22.07 -16.75 33.35
CA ASN B 62 -22.83 -15.73 32.65
C ASN B 62 -22.74 -14.41 33.41
N SER B 63 -23.33 -13.37 32.83
CA SER B 63 -23.17 -12.02 33.35
C SER B 63 -23.50 -11.95 34.84
N LYS B 64 -24.67 -12.47 35.23
CA LYS B 64 -25.05 -12.42 36.63
C LYS B 64 -24.02 -13.17 37.47
N GLY B 65 -23.60 -14.34 37.01
CA GLY B 65 -22.55 -15.05 37.72
C GLY B 65 -21.28 -14.23 37.82
N GLN B 66 -20.85 -13.64 36.71
CA GLN B 66 -19.63 -12.84 36.71
C GLN B 66 -19.75 -11.63 37.62
N THR B 67 -20.96 -11.26 38.01
CA THR B 67 -21.11 -10.18 38.98
C THR B 67 -20.39 -10.50 40.29
N TRP B 68 -20.15 -11.79 40.56
CA TRP B 68 -19.48 -12.23 41.78
C TRP B 68 -17.96 -12.32 41.63
N THR B 69 -17.43 -11.91 40.48
CA THR B 69 -15.99 -11.90 40.28
C THR B 69 -15.29 -11.23 41.45
N LEU B 70 -15.78 -10.04 41.83
CA LEU B 70 -15.12 -9.26 42.86
C LEU B 70 -15.07 -10.04 44.18
N MET B 71 -16.21 -10.58 44.61
CA MET B 71 -16.23 -11.29 45.88
C MET B 71 -15.30 -12.48 45.84
N LEU B 72 -15.31 -13.23 44.74
CA LEU B 72 -14.52 -14.45 44.70
C LEU B 72 -13.03 -14.13 44.71
N MET B 73 -12.62 -13.09 43.97
CA MET B 73 -11.22 -12.70 44.03
C MET B 73 -10.85 -12.23 45.43
N SER B 74 -11.73 -11.43 46.05
CA SER B 74 -11.49 -11.03 47.43
C SER B 74 -11.24 -12.24 48.31
N LEU B 75 -12.11 -13.24 48.19
CA LEU B 75 -12.04 -14.41 49.07
C LEU B 75 -10.74 -15.17 48.85
N ILE B 76 -10.37 -15.41 47.60
CA ILE B 76 -9.16 -16.16 47.33
C ILE B 76 -7.95 -15.41 47.88
N LEU B 77 -7.85 -14.11 47.61
CA LEU B 77 -6.72 -13.37 48.12
C LEU B 77 -6.68 -13.41 49.64
N PHE B 78 -7.83 -13.20 50.28
CA PHE B 78 -7.88 -13.25 51.73
C PHE B 78 -7.33 -14.57 52.26
N ILE B 79 -7.88 -15.68 51.78
CA ILE B 79 -7.51 -16.96 52.38
C ILE B 79 -6.04 -17.26 52.13
N GLY B 80 -5.58 -17.02 50.90
CA GLY B 80 -4.17 -17.26 50.62
C GLY B 80 -3.26 -16.43 51.50
N SER B 81 -3.56 -15.13 51.62
CA SER B 81 -2.77 -14.27 52.47
C SER B 81 -2.77 -14.77 53.90
N THR B 82 -3.95 -15.08 54.43
CA THR B 82 -4.05 -15.52 55.82
C THR B 82 -3.20 -16.75 56.06
N ASN B 83 -3.30 -17.74 55.17
CA ASN B 83 -2.53 -18.96 55.36
C ASN B 83 -1.03 -18.67 55.30
N LEU B 84 -0.59 -18.00 54.23
CA LEU B 84 0.82 -17.68 54.10
C LEU B 84 1.34 -17.01 55.36
N LEU B 85 0.60 -16.02 55.85
CA LEU B 85 1.04 -15.33 57.06
C LEU B 85 1.03 -16.27 58.26
N GLY B 86 0.05 -17.17 58.34
CA GLY B 86 0.03 -18.13 59.42
C GLY B 86 1.26 -19.00 59.43
N LEU B 87 1.88 -19.20 58.27
CA LEU B 87 3.10 -20.00 58.23
C LEU B 87 4.31 -19.27 58.81
N LEU B 88 4.11 -18.09 59.38
CA LEU B 88 5.20 -17.43 60.10
C LEU B 88 5.43 -18.10 61.46
N PRO B 89 6.60 -17.87 62.06
CA PRO B 89 6.99 -18.64 63.25
C PRO B 89 5.93 -18.76 64.34
N HIS B 90 5.47 -17.64 64.87
CA HIS B 90 4.48 -17.63 65.93
C HIS B 90 3.17 -17.03 65.46
N SER B 91 3.00 -16.85 64.16
CA SER B 91 1.80 -16.23 63.64
C SER B 91 0.57 -16.99 64.10
N PHE B 92 -0.40 -16.24 64.62
CA PHE B 92 -1.72 -16.76 64.89
C PHE B 92 -2.46 -16.82 63.57
N THR B 93 -3.07 -17.96 63.28
CA THR B 93 -3.71 -18.16 61.98
C THR B 93 -5.22 -18.10 62.15
N PRO B 94 -5.88 -16.99 61.80
CA PRO B 94 -7.31 -16.87 62.05
C PRO B 94 -8.17 -17.84 61.27
N THR B 95 -7.66 -18.42 60.18
CA THR B 95 -8.42 -19.43 59.45
C THR B 95 -8.67 -20.69 60.27
N THR B 96 -7.82 -20.97 61.26
CA THR B 96 -7.90 -22.23 61.99
C THR B 96 -9.25 -22.38 62.69
N GLN B 97 -9.77 -21.29 63.24
CA GLN B 97 -11.06 -21.33 63.91
C GLN B 97 -12.18 -21.75 62.96
N LEU B 98 -12.82 -22.87 63.28
CA LEU B 98 -13.92 -23.36 62.47
C LEU B 98 -15.00 -22.29 62.31
N SER B 99 -15.10 -21.38 63.29
CA SER B 99 -16.01 -20.26 63.14
C SER B 99 -15.72 -19.46 61.88
N MET B 100 -14.44 -19.12 61.67
CA MET B 100 -14.08 -18.30 60.52
C MET B 100 -14.40 -19.01 59.22
N ASN B 101 -14.10 -20.30 59.14
CA ASN B 101 -14.35 -21.03 57.89
C ASN B 101 -15.84 -21.20 57.66
N LEU B 102 -16.61 -21.39 58.73
CA LEU B 102 -18.06 -21.44 58.59
C LEU B 102 -18.59 -20.09 58.08
N GLY B 103 -17.99 -19.00 58.55
CA GLY B 103 -18.32 -17.70 58.03
C GLY B 103 -17.99 -17.54 56.57
N MET B 104 -16.85 -18.05 56.13
CA MET B 104 -16.59 -18.17 54.71
C MET B 104 -17.70 -18.91 53.98
N ALA B 105 -18.13 -20.05 54.52
CA ALA B 105 -18.97 -20.97 53.77
C ALA B 105 -20.43 -20.54 53.72
N ILE B 106 -21.10 -20.50 54.86
CA ILE B 106 -22.57 -20.49 54.86
C ILE B 106 -23.10 -19.24 54.15
N PRO B 107 -22.60 -18.03 54.45
CA PRO B 107 -23.23 -16.85 53.85
C PRO B 107 -23.12 -16.83 52.34
N LEU B 108 -21.97 -17.26 51.80
CA LEU B 108 -21.78 -17.19 50.36
C LEU B 108 -22.62 -18.22 49.63
N TRP B 109 -22.58 -19.47 50.10
CA TRP B 109 -23.43 -20.51 49.53
C TRP B 109 -24.90 -20.09 49.58
N ALA B 110 -25.35 -19.61 50.74
CA ALA B 110 -26.73 -19.18 50.89
C ALA B 110 -27.04 -18.06 49.92
N GLY B 111 -26.10 -17.12 49.75
CA GLY B 111 -26.31 -16.06 48.79
C GLY B 111 -26.56 -16.59 47.40
N ALA B 112 -25.72 -17.52 46.96
CA ALA B 112 -25.88 -18.10 45.63
C ALA B 112 -27.24 -18.80 45.51
N VAL B 113 -27.61 -19.58 46.52
CA VAL B 113 -28.82 -20.37 46.44
C VAL B 113 -30.04 -19.48 46.39
N ILE B 114 -30.13 -18.50 47.29
CA ILE B 114 -31.28 -17.61 47.27
C ILE B 114 -31.24 -16.71 46.04
N THR B 115 -30.05 -16.49 45.46
CA THR B 115 -30.00 -15.81 44.17
C THR B 115 -30.76 -16.61 43.13
N GLY B 116 -30.40 -17.88 43.00
CA GLY B 116 -31.10 -18.75 42.08
C GLY B 116 -32.59 -18.79 42.35
N PHE B 117 -32.97 -18.85 43.63
CA PHE B 117 -34.39 -18.91 43.98
C PHE B 117 -35.12 -17.63 43.58
N ARG B 118 -34.68 -16.49 44.11
CA ARG B 118 -35.33 -15.22 43.80
C ARG B 118 -35.44 -15.02 42.31
N ASN B 119 -34.34 -15.23 41.58
CA ASN B 119 -34.40 -15.17 40.13
C ASN B 119 -35.28 -16.29 39.57
N LYS B 120 -34.99 -17.52 39.98
CA LYS B 120 -35.40 -18.69 39.23
C LYS B 120 -35.92 -19.79 40.14
N THR B 121 -36.86 -20.58 39.63
CA THR B 121 -37.72 -21.40 40.49
C THR B 121 -37.52 -22.89 40.35
N LYS B 122 -37.70 -23.46 39.15
CA LYS B 122 -37.90 -24.90 39.06
C LYS B 122 -36.59 -25.67 39.11
N ALA B 123 -35.73 -25.48 38.11
CA ALA B 123 -34.59 -26.38 37.95
C ALA B 123 -33.70 -26.35 39.20
N SER B 124 -33.78 -25.28 39.99
CA SER B 124 -33.16 -25.30 41.29
C SER B 124 -33.61 -26.53 42.07
N LEU B 125 -34.88 -26.87 41.97
CA LEU B 125 -35.39 -28.13 42.50
C LEU B 125 -34.95 -29.33 41.67
N ALA B 126 -34.99 -29.22 40.34
CA ALA B 126 -34.64 -30.37 39.51
C ALA B 126 -33.24 -30.87 39.80
N HIS B 127 -32.36 -30.00 40.29
CA HIS B 127 -31.02 -30.41 40.69
C HIS B 127 -31.05 -31.52 41.73
N PHE B 128 -32.12 -31.61 42.52
CA PHE B 128 -32.32 -32.72 43.42
C PHE B 128 -32.56 -34.02 42.69
N LEU B 129 -32.80 -33.95 41.37
CA LEU B 129 -33.20 -35.09 40.56
C LEU B 129 -32.33 -35.22 39.32
N PRO B 130 -31.58 -36.31 39.15
CA PRO B 130 -30.89 -36.52 37.89
C PRO B 130 -31.88 -36.54 36.73
N GLN B 131 -31.45 -35.97 35.60
CA GLN B 131 -32.35 -35.81 34.46
C GLN B 131 -33.08 -37.11 34.17
N GLY B 132 -34.41 -37.07 34.29
CA GLY B 132 -35.22 -38.24 33.99
C GLY B 132 -34.80 -39.47 34.75
N THR B 133 -34.51 -39.34 36.04
CA THR B 133 -33.97 -40.45 36.80
C THR B 133 -34.96 -41.61 36.81
N PRO B 134 -34.49 -42.87 36.83
CA PRO B 134 -35.42 -44.01 36.80
C PRO B 134 -36.46 -43.97 37.91
N THR B 135 -37.68 -44.39 37.58
CA THR B 135 -38.80 -44.26 38.51
C THR B 135 -38.63 -45.06 39.80
N PRO B 136 -38.29 -46.36 39.77
CA PRO B 136 -38.58 -47.22 40.93
C PRO B 136 -37.90 -46.80 42.23
N LEU B 137 -37.11 -45.73 42.23
CA LEU B 137 -36.38 -45.32 43.42
C LEU B 137 -36.38 -43.81 43.65
N ILE B 138 -37.11 -43.04 42.86
CA ILE B 138 -36.94 -41.58 42.80
C ILE B 138 -36.78 -40.97 44.19
N PRO B 139 -37.77 -41.06 45.09
CA PRO B 139 -37.63 -40.40 46.39
C PRO B 139 -36.42 -40.88 47.17
N MET B 140 -36.17 -42.19 47.17
CA MET B 140 -35.04 -42.74 47.89
C MET B 140 -33.73 -42.06 47.52
N LEU B 141 -33.52 -41.78 46.25
CA LEU B 141 -32.36 -41.01 45.82
C LEU B 141 -32.38 -39.58 46.33
N VAL B 142 -33.53 -38.89 46.22
CA VAL B 142 -33.56 -37.44 46.43
C VAL B 142 -32.99 -37.08 47.79
N ILE B 143 -33.39 -37.83 48.82
CA ILE B 143 -32.95 -37.51 50.18
C ILE B 143 -31.44 -37.38 50.26
N ILE B 144 -30.72 -38.20 49.50
CA ILE B 144 -29.26 -38.04 49.43
C ILE B 144 -28.91 -36.64 48.95
N GLU B 145 -29.27 -36.31 47.71
CA GLU B 145 -28.86 -35.04 47.12
C GLU B 145 -29.01 -33.91 48.11
N THR B 146 -30.25 -33.70 48.58
CA THR B 146 -30.52 -32.53 49.41
C THR B 146 -29.54 -32.44 50.56
N ILE B 147 -29.36 -33.54 51.31
CA ILE B 147 -28.46 -33.49 52.46
C ILE B 147 -27.04 -33.21 51.98
N SER B 148 -26.61 -33.94 50.95
CA SER B 148 -25.26 -33.73 50.43
C SER B 148 -25.05 -32.28 50.07
N LEU B 149 -26.11 -31.56 49.67
CA LEU B 149 -25.97 -30.14 49.43
C LEU B 149 -25.62 -29.40 50.72
N PHE B 150 -26.50 -29.48 51.73
CA PHE B 150 -26.31 -28.64 52.90
C PHE B 150 -25.07 -29.02 53.69
N ILE B 151 -24.65 -30.29 53.64
CA ILE B 151 -23.39 -30.68 54.27
C ILE B 151 -22.19 -30.04 53.58
N GLN B 152 -22.37 -29.47 52.39
CA GLN B 152 -21.22 -28.91 51.68
C GLN B 152 -20.56 -27.79 52.45
N PRO B 153 -21.19 -26.64 52.68
CA PRO B 153 -20.46 -25.55 53.37
C PRO B 153 -19.66 -26.04 54.56
N MET B 154 -20.25 -26.92 55.38
CA MET B 154 -19.51 -27.53 56.46
C MET B 154 -18.36 -28.37 55.92
N ALA B 155 -18.60 -29.12 54.84
CA ALA B 155 -17.53 -29.92 54.26
C ALA B 155 -16.33 -29.06 53.87
N LEU B 156 -16.59 -27.93 53.21
CA LEU B 156 -15.52 -27.04 52.79
C LEU B 156 -14.80 -26.46 54.01
N ALA B 157 -15.57 -25.94 54.96
CA ALA B 157 -14.95 -25.31 56.12
C ALA B 157 -14.08 -26.31 56.88
N VAL B 158 -14.58 -27.54 57.04
CA VAL B 158 -13.81 -28.54 57.74
C VAL B 158 -12.57 -28.92 56.94
N ARG B 159 -12.67 -29.02 55.62
CA ARG B 159 -11.50 -29.35 54.83
C ARG B 159 -10.41 -28.31 55.01
N LEU B 160 -10.78 -27.02 54.88
CA LEU B 160 -9.82 -25.95 55.11
C LEU B 160 -9.19 -26.08 56.49
N THR B 161 -10.03 -26.01 57.52
CA THR B 161 -9.53 -26.00 58.89
C THR B 161 -8.68 -27.22 59.17
N ALA B 162 -9.11 -28.38 58.70
CA ALA B 162 -8.36 -29.61 58.93
C ALA B 162 -6.97 -29.51 58.33
N ASN B 163 -6.88 -29.19 57.05
CA ASN B 163 -5.57 -29.05 56.44
C ASN B 163 -4.70 -28.10 57.27
N ILE B 164 -5.26 -26.92 57.57
CA ILE B 164 -4.49 -25.87 58.21
C ILE B 164 -3.96 -26.34 59.56
N THR B 165 -4.88 -26.68 60.46
CA THR B 165 -4.49 -27.05 61.82
C THR B 165 -3.62 -28.29 61.82
N ALA B 166 -3.92 -29.26 60.96
CA ALA B 166 -3.12 -30.48 60.90
C ALA B 166 -1.67 -30.15 60.58
N GLY B 167 -1.44 -29.41 59.50
CA GLY B 167 -0.08 -29.03 59.17
C GLY B 167 0.58 -28.29 60.32
N HIS B 168 -0.13 -27.34 60.92
CA HIS B 168 0.47 -26.50 61.94
C HIS B 168 0.87 -27.32 63.15
N LEU B 169 -0.06 -28.11 63.68
CA LEU B 169 0.22 -28.91 64.88
C LEU B 169 1.27 -29.97 64.59
N LEU B 170 1.27 -30.52 63.37
CA LEU B 170 2.32 -31.47 63.03
C LEU B 170 3.68 -30.81 63.08
N ILE B 171 3.79 -29.60 62.54
CA ILE B 171 5.06 -28.88 62.61
C ILE B 171 5.45 -28.67 64.06
N HIS B 172 4.51 -28.25 64.89
CA HIS B 172 4.83 -27.99 66.29
C HIS B 172 5.32 -29.26 66.98
N LEU B 173 4.61 -30.36 66.78
CA LEU B 173 4.99 -31.62 67.42
C LEU B 173 6.37 -32.08 66.94
N ILE B 174 6.63 -32.01 65.64
CA ILE B 174 7.91 -32.49 65.14
C ILE B 174 9.03 -31.62 65.64
N GLY B 175 8.78 -30.30 65.76
CA GLY B 175 9.77 -29.43 66.37
C GLY B 175 10.08 -29.84 67.79
N GLY B 176 9.03 -30.16 68.56
CA GLY B 176 9.26 -30.64 69.92
C GLY B 176 10.07 -31.91 69.95
N ALA B 177 9.75 -32.86 69.06
CA ALA B 177 10.44 -34.14 69.04
C ALA B 177 11.91 -33.96 68.69
N THR B 178 12.19 -33.16 67.66
CA THR B 178 13.58 -32.90 67.28
C THR B 178 14.34 -32.18 68.39
N LEU B 179 13.71 -31.23 69.07
CA LEU B 179 14.38 -30.57 70.19
C LEU B 179 14.70 -31.56 71.29
N ALA B 180 13.75 -32.44 71.60
CA ALA B 180 13.99 -33.45 72.62
C ALA B 180 15.15 -34.36 72.23
N LEU B 181 15.21 -34.77 70.96
CA LEU B 181 16.23 -35.71 70.52
C LEU B 181 17.63 -35.13 70.59
N MET B 182 17.76 -33.81 70.78
CA MET B 182 19.09 -33.21 70.85
C MET B 182 19.93 -33.86 71.93
N SER B 183 19.31 -34.42 72.97
CA SER B 183 20.00 -35.21 73.97
C SER B 183 20.40 -36.59 73.47
N ILE B 184 20.24 -36.84 72.16
CA ILE B 184 20.53 -38.14 71.57
C ILE B 184 21.42 -37.87 70.35
N SER B 185 21.91 -38.95 69.74
CA SER B 185 22.71 -38.85 68.53
C SER B 185 22.15 -37.79 67.59
N THR B 186 23.01 -36.87 67.17
CA THR B 186 22.57 -35.78 66.31
C THR B 186 22.03 -36.27 64.97
N THR B 187 22.34 -37.51 64.58
CA THR B 187 21.89 -38.01 63.28
C THR B 187 20.38 -37.92 63.14
N THR B 188 19.65 -38.63 64.01
CA THR B 188 18.19 -38.62 63.93
C THR B 188 17.63 -37.21 64.08
N ALA B 189 18.29 -36.37 64.89
CA ALA B 189 17.87 -34.98 65.02
C ALA B 189 17.90 -34.28 63.67
N LEU B 190 19.03 -34.36 62.97
CA LEU B 190 19.12 -33.73 61.65
C LEU B 190 18.11 -34.35 60.68
N ILE B 191 17.88 -35.66 60.80
CA ILE B 191 16.90 -36.31 59.95
C ILE B 191 15.53 -35.66 60.12
N THR B 192 15.10 -35.50 61.37
CA THR B 192 13.81 -34.87 61.62
C THR B 192 13.83 -33.39 61.24
N PHE B 193 14.99 -32.73 61.30
CA PHE B 193 15.10 -31.40 60.71
C PHE B 193 14.71 -31.42 59.24
N THR B 194 15.29 -32.35 58.48
CA THR B 194 14.96 -32.45 57.06
C THR B 194 13.48 -32.71 56.86
N ILE B 195 12.93 -33.64 57.63
CA ILE B 195 11.51 -33.96 57.51
C ILE B 195 10.68 -32.72 57.76
N LEU B 196 11.01 -31.99 58.83
CA LEU B 196 10.31 -30.75 59.14
C LEU B 196 10.39 -29.77 57.98
N ILE B 197 11.55 -29.66 57.35
CA ILE B 197 11.71 -28.71 56.25
C ILE B 197 10.78 -29.09 55.10
N LEU B 198 10.76 -30.36 54.73
CA LEU B 198 9.91 -30.77 53.62
C LEU B 198 8.44 -30.58 53.97
N LEU B 199 8.07 -30.84 55.23
CA LEU B 199 6.76 -30.41 55.67
C LEU B 199 6.54 -28.95 55.36
N THR B 200 7.38 -28.07 55.90
CA THR B 200 7.22 -26.62 55.65
C THR B 200 6.90 -26.36 54.19
N ILE B 201 7.62 -27.03 53.29
CA ILE B 201 7.27 -26.97 51.87
C ILE B 201 5.80 -27.32 51.71
N LEU B 202 5.38 -28.40 52.35
CA LEU B 202 4.01 -28.88 52.15
C LEU B 202 2.98 -27.88 52.68
N GLU B 203 3.27 -27.22 53.79
CA GLU B 203 2.34 -26.21 54.29
C GLU B 203 2.24 -25.01 53.34
N PHE B 204 3.39 -24.54 52.83
CA PHE B 204 3.27 -23.51 51.78
C PHE B 204 2.40 -23.98 50.64
N ALA B 205 2.61 -25.21 50.16
CA ALA B 205 1.75 -25.73 49.11
C ALA B 205 0.29 -25.65 49.52
N VAL B 206 -0.05 -26.33 50.62
CA VAL B 206 -1.46 -26.46 50.98
C VAL B 206 -2.12 -25.10 51.09
N ALA B 207 -1.49 -24.16 51.80
CA ALA B 207 -2.14 -22.86 51.99
C ALA B 207 -2.86 -22.42 50.72
N MET B 208 -2.09 -22.22 49.65
CA MET B 208 -2.68 -21.82 48.39
C MET B 208 -3.61 -22.89 47.86
N ILE B 209 -3.26 -24.16 48.04
CA ILE B 209 -4.12 -25.23 47.50
C ILE B 209 -5.54 -25.10 48.03
N GLN B 210 -5.70 -25.16 49.36
CA GLN B 210 -7.04 -25.05 49.94
C GLN B 210 -7.72 -23.72 49.62
N ALA B 211 -6.99 -22.60 49.70
CA ALA B 211 -7.62 -21.35 49.26
C ALA B 211 -8.21 -21.52 47.87
N TYR B 212 -7.40 -22.07 46.96
CA TYR B 212 -7.75 -22.18 45.56
C TYR B 212 -8.96 -23.08 45.37
N VAL B 213 -8.96 -24.23 46.05
CA VAL B 213 -10.05 -25.19 45.86
C VAL B 213 -11.33 -24.65 46.47
N PHE B 214 -11.24 -24.03 47.64
CA PHE B 214 -12.43 -23.44 48.24
C PHE B 214 -13.06 -22.43 47.29
N THR B 215 -12.24 -21.56 46.72
CA THR B 215 -12.74 -20.59 45.77
C THR B 215 -13.39 -21.29 44.57
N LEU B 216 -12.73 -22.32 44.05
CA LEU B 216 -13.28 -23.03 42.91
C LEU B 216 -14.63 -23.63 43.25
N LEU B 217 -14.74 -24.23 44.43
CA LEU B 217 -16.00 -24.80 44.85
C LEU B 217 -17.09 -23.75 44.87
N VAL B 218 -16.84 -22.62 45.52
CA VAL B 218 -17.89 -21.62 45.64
C VAL B 218 -18.30 -21.13 44.26
N SER B 219 -17.31 -20.91 43.38
CA SER B 219 -17.61 -20.44 42.05
C SER B 219 -18.49 -21.43 41.30
N LEU B 220 -18.19 -22.72 41.42
CA LEU B 220 -18.98 -23.70 40.68
C LEU B 220 -20.36 -23.90 41.31
N TYR B 221 -20.49 -23.77 42.62
CA TYR B 221 -21.83 -23.69 43.20
C TYR B 221 -22.62 -22.58 42.55
N LEU B 222 -22.05 -21.38 42.48
CA LEU B 222 -22.75 -20.27 41.84
C LEU B 222 -23.07 -20.61 40.39
N HIS B 223 -22.15 -21.29 39.71
CA HIS B 223 -22.42 -21.77 38.36
C HIS B 223 -23.70 -22.59 38.31
N ASP B 224 -23.83 -23.55 39.22
CA ASP B 224 -25.00 -24.42 39.23
C ASP B 224 -26.27 -23.58 39.32
N ASN B 225 -26.24 -22.52 40.13
CA ASN B 225 -27.41 -21.69 40.37
C ASN B 225 -27.21 -20.25 39.89
N THR B 226 -26.30 -20.04 38.94
CA THR B 226 -26.06 -18.70 38.40
C THR B 226 -27.30 -18.17 37.70
N LEU C 5 -8.81 32.00 -32.29
CA LEU C 5 -7.91 30.88 -32.59
C LEU C 5 -6.91 30.64 -31.48
N ALA C 6 -7.23 31.15 -30.29
CA ALA C 6 -6.35 30.97 -29.13
C ALA C 6 -6.57 29.59 -28.52
N LEU C 7 -5.67 28.66 -28.81
CA LEU C 7 -5.77 27.28 -28.34
C LEU C 7 -4.59 27.01 -27.43
N LYS C 8 -4.87 26.63 -26.19
CA LYS C 8 -3.88 26.67 -25.12
C LYS C 8 -3.47 25.28 -24.66
N THR C 9 -2.40 25.25 -23.87
CA THR C 9 -1.70 24.01 -23.53
C THR C 9 -2.41 23.28 -22.39
N ILE C 10 -2.00 22.03 -22.16
CA ILE C 10 -2.71 21.14 -21.26
C ILE C 10 -1.74 20.06 -20.78
N ASP C 11 -1.95 19.60 -19.55
CA ASP C 11 -1.33 18.38 -19.04
C ASP C 11 -2.45 17.37 -18.85
N TRP C 12 -2.76 16.64 -19.91
CA TRP C 12 -3.96 15.80 -19.92
C TRP C 12 -3.96 14.80 -18.78
N VAL C 13 -2.79 14.43 -18.27
CA VAL C 13 -2.75 13.49 -17.15
C VAL C 13 -3.47 14.09 -15.94
N ALA C 14 -3.16 15.33 -15.60
CA ALA C 14 -3.88 16.00 -14.52
C ALA C 14 -5.34 16.17 -14.89
N PHE C 15 -5.59 16.67 -16.10
CA PHE C 15 -6.97 16.81 -16.58
C PHE C 15 -7.80 15.59 -16.24
N GLY C 16 -7.31 14.40 -16.58
CA GLY C 16 -8.06 13.19 -16.31
C GLY C 16 -8.43 13.03 -14.85
N GLU C 17 -7.73 13.70 -13.94
CA GLU C 17 -7.99 13.62 -12.52
C GLU C 17 -9.09 14.56 -12.08
N ILE C 18 -9.94 14.99 -13.01
CA ILE C 18 -10.84 16.11 -12.78
C ILE C 18 -12.23 15.63 -12.39
N ILE C 19 -12.85 14.85 -13.26
CA ILE C 19 -14.29 14.64 -13.22
C ILE C 19 -14.61 13.56 -12.19
N PRO C 20 -15.79 13.60 -11.56
CA PRO C 20 -16.30 12.38 -10.94
C PRO C 20 -16.36 11.29 -11.98
N ARG C 21 -15.97 10.07 -11.58
CA ARG C 21 -15.84 9.00 -12.55
C ARG C 21 -17.10 8.81 -13.40
N ASN C 22 -18.25 9.33 -12.95
CA ASN C 22 -19.49 9.11 -13.70
C ASN C 22 -19.43 9.78 -15.07
N GLN C 23 -19.20 11.09 -15.11
CA GLN C 23 -19.18 11.82 -16.38
C GLN C 23 -17.88 11.60 -17.14
N LYS C 24 -16.94 10.88 -16.53
CA LYS C 24 -15.68 10.58 -17.20
C LYS C 24 -15.90 10.12 -18.65
N ALA C 25 -16.99 9.39 -18.88
CA ALA C 25 -17.27 8.89 -20.23
C ALA C 25 -17.39 10.04 -21.22
N VAL C 26 -18.33 10.95 -20.99
CA VAL C 26 -18.51 12.08 -21.89
C VAL C 26 -17.26 12.94 -21.92
N ALA C 27 -16.51 12.97 -20.81
CA ALA C 27 -15.25 13.71 -20.79
C ALA C 27 -14.27 13.13 -21.80
N ASN C 28 -14.15 11.81 -21.83
CA ASN C 28 -13.27 11.18 -22.82
C ASN C 28 -13.80 11.40 -24.23
N SER C 29 -15.13 11.37 -24.38
CA SER C 29 -15.71 11.70 -25.68
C SER C 29 -15.29 13.09 -26.12
N LEU C 30 -15.32 14.05 -25.21
CA LEU C 30 -14.90 15.41 -25.52
C LEU C 30 -13.42 15.46 -25.88
N LYS C 31 -12.59 14.72 -25.15
CA LYS C 31 -11.18 14.64 -25.49
C LYS C 31 -11.00 14.16 -26.92
N SER C 32 -11.73 13.11 -27.29
CA SER C 32 -11.68 12.60 -28.65
C SER C 32 -12.14 13.64 -29.66
N TRP C 33 -13.27 14.30 -29.37
CA TRP C 33 -13.68 15.46 -30.14
C TRP C 33 -12.49 16.37 -30.40
N ASN C 34 -11.75 16.69 -29.34
CA ASN C 34 -10.65 17.64 -29.45
C ASN C 34 -9.62 17.15 -30.44
N GLU C 35 -9.12 15.92 -30.24
CA GLU C 35 -8.07 15.44 -31.12
C GLU C 35 -8.56 15.36 -32.56
N THR C 36 -9.77 14.86 -32.75
CA THR C 36 -10.31 14.71 -34.09
C THR C 36 -10.38 16.04 -34.81
N LEU C 37 -10.94 17.05 -34.14
CA LEU C 37 -11.07 18.35 -34.78
C LEU C 37 -9.72 19.02 -34.96
N THR C 38 -8.78 18.81 -34.03
CA THR C 38 -7.44 19.35 -34.20
C THR C 38 -6.81 18.82 -35.49
N SER C 39 -6.81 17.49 -35.65
CA SER C 39 -6.28 16.89 -36.85
C SER C 39 -7.01 17.42 -38.08
N ARG C 40 -8.35 17.41 -38.02
CA ARG C 40 -9.13 17.83 -39.18
C ARG C 40 -8.78 19.26 -39.59
N LEU C 41 -8.52 20.13 -38.61
CA LEU C 41 -8.03 21.46 -38.94
C LEU C 41 -6.67 21.38 -39.60
N ALA C 42 -5.78 20.55 -39.07
CA ALA C 42 -4.48 20.37 -39.71
C ALA C 42 -4.65 20.01 -41.18
N THR C 43 -5.72 19.29 -41.51
CA THR C 43 -5.97 18.86 -42.87
C THR C 43 -6.13 20.03 -43.83
N LEU C 44 -7.19 20.81 -43.66
CA LEU C 44 -7.50 21.85 -44.64
C LEU C 44 -6.57 23.04 -44.46
N PRO C 45 -6.34 23.84 -45.52
CA PRO C 45 -5.42 24.97 -45.40
C PRO C 45 -6.05 26.15 -44.70
N GLU C 46 -5.31 27.26 -44.62
CA GLU C 46 -5.79 28.43 -43.90
C GLU C 46 -6.84 29.21 -44.67
N LYS C 47 -6.72 29.25 -46.00
CA LYS C 47 -7.50 30.20 -46.80
C LYS C 47 -7.75 29.66 -48.21
N PRO C 48 -8.97 29.77 -48.73
CA PRO C 48 -9.22 29.34 -50.11
C PRO C 48 -8.45 30.21 -51.07
N PRO C 49 -7.68 29.63 -51.99
CA PRO C 49 -6.81 30.47 -52.83
C PRO C 49 -7.58 31.42 -53.73
N ALA C 50 -6.86 32.18 -54.55
CA ALA C 50 -7.44 33.24 -55.36
C ALA C 50 -7.87 32.70 -56.71
N ILE C 51 -9.04 33.15 -57.16
CA ILE C 51 -9.57 32.73 -58.45
C ILE C 51 -8.91 33.56 -59.55
N ASP C 52 -8.33 32.88 -60.53
CA ASP C 52 -7.58 33.51 -61.62
C ASP C 52 -8.57 34.12 -62.60
N TRP C 53 -9.18 35.24 -62.18
CA TRP C 53 -10.19 35.89 -63.00
C TRP C 53 -9.63 36.31 -64.34
N ALA C 54 -8.41 36.88 -64.36
CA ALA C 54 -7.80 37.25 -65.63
C ALA C 54 -7.61 36.03 -66.52
N TYR C 55 -7.10 34.95 -65.95
CA TYR C 55 -6.98 33.71 -66.72
C TYR C 55 -8.32 33.30 -67.31
N TYR C 56 -9.36 33.22 -66.48
CA TYR C 56 -10.65 32.78 -66.97
C TYR C 56 -11.15 33.68 -68.08
N LYS C 57 -11.17 34.99 -67.84
CA LYS C 57 -11.52 35.95 -68.89
C LYS C 57 -10.80 35.61 -70.18
N ALA C 58 -9.49 35.36 -70.11
CA ALA C 58 -8.74 34.99 -71.29
C ALA C 58 -9.34 33.75 -71.94
N ASN C 59 -9.35 32.64 -71.22
CA ASN C 59 -9.92 31.41 -71.76
C ASN C 59 -11.41 31.59 -72.06
N VAL C 60 -12.13 32.26 -71.17
CA VAL C 60 -13.58 32.31 -71.24
C VAL C 60 -13.99 33.34 -72.28
N ALA C 61 -14.21 32.88 -73.50
CA ALA C 61 -14.64 33.78 -74.57
C ALA C 61 -15.97 34.44 -74.23
N LYS C 62 -16.73 33.86 -73.30
CA LYS C 62 -18.00 34.46 -72.92
C LYS C 62 -17.79 35.90 -72.50
N ALA C 63 -18.67 36.78 -72.96
CA ALA C 63 -18.41 38.22 -72.94
C ALA C 63 -18.19 38.77 -71.54
N GLY C 64 -19.22 38.75 -70.70
CA GLY C 64 -19.17 39.49 -69.46
C GLY C 64 -19.30 38.66 -68.21
N LEU C 65 -19.84 37.45 -68.33
CA LEU C 65 -20.13 36.65 -67.15
C LEU C 65 -18.88 36.47 -66.30
N VAL C 66 -17.71 36.43 -66.92
CA VAL C 66 -16.46 36.26 -66.17
C VAL C 66 -16.36 37.33 -65.09
N ASP C 67 -16.28 38.59 -65.53
CA ASP C 67 -16.13 39.66 -64.56
C ASP C 67 -17.41 39.89 -63.79
N ASP C 68 -18.56 39.58 -64.40
CA ASP C 68 -19.81 39.58 -63.65
C ASP C 68 -19.65 38.84 -62.33
N PHE C 69 -19.33 37.55 -62.42
CA PHE C 69 -19.21 36.75 -61.20
C PHE C 69 -17.97 37.13 -60.40
N GLU C 70 -16.89 37.53 -61.05
CA GLU C 70 -15.76 38.07 -60.29
C GLU C 70 -16.23 39.13 -59.31
N LYS C 71 -16.81 40.22 -59.84
CA LYS C 71 -17.34 41.27 -58.99
C LYS C 71 -18.26 40.70 -57.93
N LYS C 72 -19.31 40.00 -58.36
CA LYS C 72 -20.36 39.60 -57.43
C LYS C 72 -19.80 38.76 -56.29
N PHE C 73 -19.04 37.71 -56.61
CA PHE C 73 -18.32 36.97 -55.59
C PHE C 73 -17.57 37.93 -54.66
N ASN C 74 -16.65 38.72 -55.22
CA ASN C 74 -15.76 39.50 -54.37
C ASN C 74 -16.54 40.41 -53.44
N ALA C 75 -17.77 40.78 -53.83
CA ALA C 75 -18.63 41.54 -52.93
C ALA C 75 -19.25 40.64 -51.86
N LEU C 76 -19.56 39.39 -52.22
CA LEU C 76 -20.24 38.49 -51.32
C LEU C 76 -19.39 38.19 -50.09
N LYS C 77 -20.05 38.08 -48.95
CA LYS C 77 -19.39 37.81 -47.68
C LYS C 77 -20.11 36.68 -46.96
N VAL C 78 -19.34 35.81 -46.33
CA VAL C 78 -19.85 34.59 -45.72
C VAL C 78 -20.44 34.88 -44.35
N PRO C 79 -21.49 34.18 -43.93
CA PRO C 79 -21.89 34.22 -42.52
C PRO C 79 -20.84 33.60 -41.63
N ILE C 80 -20.19 34.40 -40.81
CA ILE C 80 -19.35 33.83 -39.74
C ILE C 80 -20.27 33.37 -38.61
N PRO C 81 -20.19 32.12 -38.16
CA PRO C 81 -21.12 31.68 -37.11
C PRO C 81 -20.86 32.45 -35.82
N GLU C 82 -21.77 32.33 -34.87
CA GLU C 82 -21.77 33.19 -33.70
C GLU C 82 -21.70 32.36 -32.44
N ASP C 83 -20.96 32.88 -31.46
CA ASP C 83 -20.64 32.15 -30.25
C ASP C 83 -21.92 31.98 -29.42
N LYS C 84 -22.46 30.76 -29.40
CA LYS C 84 -23.66 30.43 -28.63
C LYS C 84 -23.40 29.40 -27.54
N TYR C 85 -22.78 28.27 -27.90
CA TYR C 85 -22.37 27.29 -26.89
C TYR C 85 -21.76 27.96 -25.67
N THR C 86 -21.10 29.10 -25.85
CA THR C 86 -20.37 29.78 -24.80
C THR C 86 -21.33 30.45 -23.81
N ALA C 87 -22.15 29.63 -23.16
CA ALA C 87 -23.05 30.09 -22.10
C ALA C 87 -22.64 29.56 -20.74
N GLN C 88 -22.09 28.34 -20.70
CA GLN C 88 -21.76 27.68 -19.45
C GLN C 88 -20.59 28.34 -18.72
N VAL C 89 -20.17 29.52 -19.14
CA VAL C 89 -18.97 30.15 -18.60
C VAL C 89 -19.10 30.35 -17.10
N ASP C 90 -20.28 30.74 -16.63
CA ASP C 90 -20.45 30.99 -15.21
C ASP C 90 -20.21 29.72 -14.42
N ALA C 91 -20.40 28.56 -15.05
CA ALA C 91 -20.02 27.32 -14.40
C ALA C 91 -18.63 27.40 -13.81
N GLU C 92 -17.68 27.92 -14.59
CA GLU C 92 -16.34 28.17 -14.08
C GLU C 92 -16.43 28.80 -12.70
N GLU C 93 -17.02 29.99 -12.64
CA GLU C 93 -17.14 30.67 -11.35
C GLU C 93 -17.95 29.85 -10.37
N LYS C 94 -19.06 29.25 -10.82
CA LYS C 94 -19.84 28.46 -9.87
C LYS C 94 -19.01 27.30 -9.37
N GLU C 95 -18.19 26.71 -10.25
CA GLU C 95 -17.30 25.65 -9.79
C GLU C 95 -16.35 26.18 -8.73
N ASP C 96 -15.80 27.38 -8.94
CA ASP C 96 -14.95 28.00 -7.93
C ASP C 96 -15.61 27.83 -6.58
N VAL C 97 -16.92 28.04 -6.52
CA VAL C 97 -17.61 28.01 -5.24
C VAL C 97 -17.22 26.71 -4.56
N LYS C 98 -17.64 25.58 -5.15
CA LYS C 98 -17.43 24.30 -4.49
C LYS C 98 -16.01 24.22 -3.97
N SER C 99 -15.06 24.61 -4.80
CA SER C 99 -13.66 24.61 -4.39
C SER C 99 -13.36 25.83 -3.52
N CYS C 100 -13.52 27.01 -4.09
CA CYS C 100 -12.99 28.22 -3.46
C CYS C 100 -13.73 28.55 -2.18
N ALA C 101 -15.05 28.41 -2.17
CA ALA C 101 -15.85 28.69 -0.99
C ALA C 101 -16.16 27.43 -0.19
N GLU C 102 -16.86 26.48 -0.81
CA GLU C 102 -17.49 25.40 -0.08
C GLU C 102 -16.58 24.19 0.10
N PHE C 103 -15.42 24.15 -0.54
CA PHE C 103 -14.42 23.14 -0.20
C PHE C 103 -13.27 23.79 0.54
N LEU C 104 -12.92 25.01 0.14
CA LEU C 104 -11.75 25.66 0.72
C LEU C 104 -11.89 25.79 2.23
N THR C 105 -12.87 26.57 2.68
CA THR C 105 -12.95 26.88 4.11
C THR C 105 -13.23 25.62 4.93
N GLN C 106 -14.08 24.72 4.44
CA GLN C 106 -14.35 23.49 5.17
C GLN C 106 -13.11 22.62 5.27
N SER C 107 -12.37 22.47 4.17
CA SER C 107 -11.11 21.73 4.24
C SER C 107 -10.16 22.39 5.23
N LYS C 108 -10.00 23.71 5.13
CA LYS C 108 -9.22 24.44 6.11
C LYS C 108 -9.64 24.07 7.53
N THR C 109 -10.88 24.36 7.89
CA THR C 109 -11.29 24.15 9.28
C THR C 109 -11.08 22.71 9.71
N ARG C 110 -11.39 21.73 8.85
CA ARG C 110 -11.04 20.36 9.15
C ARG C 110 -9.56 20.26 9.51
N ILE C 111 -8.71 20.96 8.75
CA ILE C 111 -7.28 20.90 9.02
C ILE C 111 -6.97 21.56 10.35
N GLN C 112 -7.26 22.86 10.47
CA GLN C 112 -7.04 23.56 11.73
C GLN C 112 -7.42 22.67 12.90
N GLU C 113 -8.58 22.02 12.82
CA GLU C 113 -8.89 20.96 13.76
C GLU C 113 -7.71 20.00 13.87
N TYR C 114 -7.41 19.28 12.79
CA TYR C 114 -6.46 18.17 12.86
C TYR C 114 -5.13 18.64 13.43
N GLU C 115 -4.62 19.75 12.92
CA GLU C 115 -3.52 20.47 13.54
C GLU C 115 -3.67 20.52 15.05
N LYS C 116 -4.82 21.00 15.52
CA LYS C 116 -4.99 21.25 16.94
C LYS C 116 -4.94 19.96 17.75
N GLU C 117 -5.63 18.92 17.29
CA GLU C 117 -5.51 17.64 17.98
C GLU C 117 -4.07 17.14 17.96
N LEU C 118 -3.38 17.30 16.82
CA LEU C 118 -2.00 16.85 16.74
C LEU C 118 -1.13 17.54 17.77
N GLU C 119 -0.95 18.85 17.65
CA GLU C 119 -0.20 19.61 18.62
C GLU C 119 -0.67 19.34 20.04
N LYS C 120 -1.92 18.92 20.20
CA LYS C 120 -2.40 18.42 21.49
C LYS C 120 -1.83 17.05 21.82
N MET C 121 -0.93 16.51 20.99
CA MET C 121 -0.31 15.23 21.30
C MET C 121 1.03 15.44 21.99
N ARG C 122 1.92 16.24 21.38
CA ARG C 122 3.25 16.45 21.93
C ARG C 122 3.23 16.85 23.39
N ASN C 123 2.10 17.39 23.88
CA ASN C 123 1.98 17.82 25.26
C ASN C 123 1.41 16.73 26.17
N ILE C 124 1.28 15.50 25.67
CA ILE C 124 0.87 14.41 26.54
C ILE C 124 1.97 14.22 27.56
N ILE C 125 1.61 14.15 28.83
CA ILE C 125 2.62 14.01 29.88
C ILE C 125 3.27 12.65 29.70
N PRO C 126 4.56 12.49 29.99
CA PRO C 126 5.19 11.18 29.81
C PRO C 126 4.45 10.12 30.59
N PHE C 127 4.36 8.92 30.01
CA PHE C 127 3.58 7.86 30.61
C PHE C 127 3.97 7.58 32.06
N ASP C 128 5.16 7.99 32.48
CA ASP C 128 5.55 7.87 33.88
C ASP C 128 4.75 8.79 34.80
N GLN C 129 3.99 9.73 34.25
CA GLN C 129 3.29 10.74 35.03
C GLN C 129 1.79 10.50 35.03
N MET C 130 1.33 9.58 34.18
CA MET C 130 -0.07 9.52 33.84
C MET C 130 -0.84 8.71 34.88
N THR C 131 -2.16 8.78 34.76
CA THR C 131 -3.09 8.05 35.60
C THR C 131 -4.29 7.65 34.75
N ILE C 132 -4.98 6.60 35.19
CA ILE C 132 -5.99 5.97 34.36
C ILE C 132 -6.92 7.00 33.72
N GLU C 133 -7.40 7.96 34.51
CA GLU C 133 -8.25 9.00 33.94
C GLU C 133 -7.53 9.69 32.80
N ASP C 134 -6.25 10.04 33.01
CA ASP C 134 -5.50 10.69 31.94
C ASP C 134 -5.68 9.93 30.64
N LEU C 135 -5.54 8.60 30.67
CA LEU C 135 -5.85 7.80 29.50
C LEU C 135 -7.29 8.03 29.05
N ASN C 136 -8.24 7.94 29.98
CA ASN C 136 -9.66 7.98 29.60
C ASN C 136 -9.99 9.25 28.82
N GLU C 137 -9.66 10.41 29.38
CA GLU C 137 -9.94 11.66 28.67
C GLU C 137 -9.07 11.78 27.42
N VAL C 138 -7.83 11.32 27.47
CA VAL C 138 -7.01 11.28 26.26
C VAL C 138 -7.61 10.30 25.27
N PHE C 139 -8.11 9.17 25.77
CA PHE C 139 -8.68 8.13 24.92
C PHE C 139 -9.98 7.63 25.53
N PRO C 140 -11.13 8.24 25.24
CA PRO C 140 -12.38 7.80 25.86
C PRO C 140 -12.82 6.41 25.47
N GLU C 141 -12.11 5.76 24.54
CA GLU C 141 -12.38 4.37 24.21
C GLU C 141 -11.70 3.39 25.16
N THR C 142 -10.91 3.89 26.11
CA THR C 142 -10.41 3.07 27.20
C THR C 142 -11.31 3.11 28.42
N LYS C 143 -12.43 3.83 28.34
CA LYS C 143 -13.35 3.94 29.47
C LYS C 143 -13.86 2.55 29.87
N LEU C 144 -14.52 2.50 31.02
CA LEU C 144 -15.05 1.26 31.55
C LEU C 144 -16.56 1.20 31.58
N ASP C 145 -17.25 2.21 31.03
CA ASP C 145 -18.70 2.20 30.81
C ASP C 145 -19.42 1.48 31.94
N LYS C 146 -19.09 1.86 33.17
CA LYS C 146 -19.71 1.22 34.33
C LYS C 146 -21.22 1.36 34.28
N LYS C 147 -21.72 2.38 33.59
CA LYS C 147 -23.16 2.54 33.44
C LYS C 147 -23.79 1.33 32.76
N LYS C 148 -23.04 0.62 31.92
CA LYS C 148 -23.51 -0.64 31.35
C LYS C 148 -23.13 -1.82 32.23
N TYR C 149 -22.00 -1.72 32.93
CA TYR C 149 -21.53 -2.77 33.83
C TYR C 149 -21.22 -2.18 35.19
N PRO C 150 -22.23 -1.85 35.99
CA PRO C 150 -21.95 -1.26 37.31
C PRO C 150 -21.19 -2.20 38.23
N TYR C 151 -21.00 -3.44 37.82
CA TYR C 151 -20.28 -4.43 38.62
C TYR C 151 -18.85 -4.56 38.13
N TRP C 152 -17.95 -4.79 39.08
CA TRP C 152 -16.54 -4.85 38.74
C TRP C 152 -16.28 -6.04 37.81
N PRO C 153 -15.27 -5.94 36.94
CA PRO C 153 -14.43 -4.77 36.68
C PRO C 153 -15.06 -3.85 35.65
N HIS C 154 -16.33 -4.12 35.34
CA HIS C 154 -17.14 -3.31 34.44
C HIS C 154 -16.81 -3.57 32.98
N ARG C 155 -15.94 -4.54 32.70
CA ARG C 155 -15.80 -5.11 31.37
C ARG C 155 -15.99 -6.61 31.51
N PRO C 156 -16.54 -7.27 30.50
CA PRO C 156 -16.65 -8.73 30.57
C PRO C 156 -15.28 -9.36 30.77
N ILE C 157 -15.22 -10.40 31.60
CA ILE C 157 -13.94 -10.88 32.14
C ILE C 157 -13.02 -11.31 31.02
N GLU C 158 -13.55 -12.01 30.02
CA GLU C 158 -12.69 -12.45 28.93
C GLU C 158 -11.95 -11.30 28.28
N THR C 159 -12.60 -10.14 28.32
CA THR C 159 -11.97 -8.91 27.91
C THR C 159 -11.01 -8.45 29.00
N PRO D 2 37.87 1.33 54.24
CA PRO D 2 39.07 1.41 55.07
C PRO D 2 38.81 1.00 56.52
N PRO D 3 39.74 0.26 57.12
CA PRO D 3 39.59 -0.09 58.54
C PRO D 3 39.67 1.16 59.42
N VAL D 4 38.95 1.10 60.54
CA VAL D 4 38.81 2.23 61.44
C VAL D 4 39.14 1.76 62.85
N GLN D 5 39.46 2.71 63.72
CA GLN D 5 39.71 2.44 65.13
C GLN D 5 38.64 3.10 65.98
N VAL D 6 38.01 2.31 66.83
CA VAL D 6 36.95 2.79 67.70
C VAL D 6 37.56 3.62 68.81
N SER D 7 36.74 4.47 69.43
CA SER D 7 37.21 5.30 70.52
C SER D 7 37.82 4.42 71.62
N PRO D 8 39.01 4.74 72.14
CA PRO D 8 39.63 3.85 73.12
C PRO D 8 38.77 3.62 74.35
N LEU D 9 38.07 4.65 74.80
CA LEU D 9 37.08 4.48 75.86
C LEU D 9 36.33 3.18 75.68
N ILE D 10 35.86 2.92 74.46
CA ILE D 10 35.13 1.69 74.20
C ILE D 10 35.95 0.49 74.59
N LYS D 11 37.12 0.31 73.96
CA LYS D 11 37.89 -0.91 74.15
C LYS D 11 38.25 -1.12 75.61
N LEU D 12 38.61 -0.05 76.31
CA LEU D 12 38.86 -0.15 77.75
C LEU D 12 37.64 -0.66 78.47
N GLY D 13 36.48 -0.04 78.22
CA GLY D 13 35.26 -0.53 78.82
C GLY D 13 35.02 -1.99 78.49
N ARG D 14 35.43 -2.42 77.29
CA ARG D 14 35.08 -3.76 76.84
C ARG D 14 35.90 -4.81 77.56
N TYR D 15 37.18 -4.59 77.73
CA TYR D 15 37.94 -5.56 78.51
C TYR D 15 37.63 -5.45 80.00
N SER D 16 37.30 -4.26 80.50
CA SER D 16 36.87 -4.14 81.88
C SER D 16 35.58 -4.93 82.12
N ALA D 17 34.59 -4.75 81.25
CA ALA D 17 33.34 -5.48 81.38
C ALA D 17 33.54 -6.96 81.15
N LEU D 18 34.50 -7.33 80.30
CA LEU D 18 34.85 -8.73 80.14
C LEU D 18 35.29 -9.33 81.47
N PHE D 19 36.20 -8.64 82.16
CA PHE D 19 36.69 -9.17 83.44
C PHE D 19 35.60 -9.13 84.50
N LEU D 20 34.74 -8.11 84.46
CA LEU D 20 33.62 -8.06 85.40
C LEU D 20 32.68 -9.23 85.16
N GLY D 21 32.42 -9.56 83.90
CA GLY D 21 31.66 -10.76 83.58
C GLY D 21 32.34 -12.01 84.08
N MET D 22 33.66 -12.10 83.89
CA MET D 22 34.41 -13.22 84.44
C MET D 22 34.04 -13.42 85.91
N ALA D 23 34.31 -12.37 86.70
CA ALA D 23 34.11 -12.47 88.14
C ALA D 23 32.65 -12.78 88.48
N TYR D 24 31.71 -12.05 87.87
CA TYR D 24 30.32 -12.21 88.26
C TYR D 24 29.81 -13.60 87.89
N GLY D 25 30.16 -14.09 86.70
CA GLY D 25 29.74 -15.43 86.33
C GLY D 25 30.31 -16.49 87.25
N ALA D 26 31.61 -16.41 87.54
CA ALA D 26 32.20 -17.38 88.44
C ALA D 26 31.50 -17.36 89.79
N LYS D 27 31.35 -16.17 90.37
CA LYS D 27 30.71 -16.04 91.66
C LYS D 27 29.30 -16.61 91.62
N ARG D 28 28.51 -16.23 90.61
CA ARG D 28 27.13 -16.63 90.55
C ARG D 28 27.00 -18.14 90.44
N TYR D 29 27.84 -18.76 89.60
CA TYR D 29 27.79 -20.21 89.45
C TYR D 29 28.13 -20.90 90.75
N ASN D 30 29.26 -20.53 91.37
CA ASN D 30 29.64 -21.17 92.62
C ASN D 30 28.57 -20.95 93.69
N TYR D 31 28.02 -19.74 93.74
CA TYR D 31 27.03 -19.40 94.75
C TYR D 31 25.75 -20.20 94.56
N LEU D 32 25.32 -20.40 93.31
CA LEU D 32 24.09 -21.13 93.07
C LEU D 32 24.27 -22.63 93.29
N LYS D 33 25.46 -23.17 93.00
CA LYS D 33 25.64 -24.62 93.02
C LYS D 33 25.04 -25.28 94.25
N PRO D 34 25.31 -24.84 95.49
CA PRO D 34 24.73 -25.53 96.65
C PRO D 34 23.21 -25.55 96.63
N ARG D 35 22.58 -24.51 96.08
CA ARG D 35 21.13 -24.47 96.04
C ARG D 35 20.59 -25.57 95.12
N ALA D 36 21.14 -25.67 93.92
CA ALA D 36 20.74 -26.73 93.02
C ALA D 36 20.98 -28.09 93.65
N GLU D 37 22.14 -28.25 94.29
CA GLU D 37 22.43 -29.49 95.00
C GLU D 37 21.30 -29.85 95.96
N GLU D 38 21.06 -28.97 96.94
CA GLU D 38 20.12 -29.29 98.00
C GLU D 38 18.71 -29.50 97.46
N GLU D 39 18.29 -28.72 96.46
CA GLU D 39 16.93 -28.85 95.98
C GLU D 39 16.75 -30.11 95.14
N ARG D 40 17.72 -30.43 94.29
CA ARG D 40 17.62 -31.65 93.50
C ARG D 40 17.63 -32.88 94.40
N ARG D 41 18.53 -32.92 95.38
CA ARG D 41 18.64 -34.11 96.22
C ARG D 41 17.33 -34.39 96.95
N LEU D 42 16.57 -33.35 97.27
CA LEU D 42 15.31 -33.52 97.96
C LEU D 42 14.26 -34.09 97.01
N PRO E 5 14.05 27.41 63.54
CA PRO E 5 13.02 28.41 63.87
C PRO E 5 11.70 27.78 64.31
N LEU E 6 10.96 27.19 63.37
CA LEU E 6 9.70 26.54 63.74
C LEU E 6 9.96 25.49 64.80
N LYS E 7 9.15 25.54 65.86
CA LYS E 7 9.26 24.58 66.95
C LYS E 7 8.39 23.35 66.76
N GLU E 8 7.36 23.41 65.92
CA GLU E 8 6.58 22.24 65.54
C GLU E 8 7.36 21.53 64.43
N LYS E 9 8.51 20.99 64.81
CA LYS E 9 9.44 20.39 63.87
C LYS E 9 9.67 18.93 64.24
N LYS E 10 10.18 18.17 63.28
CA LYS E 10 10.31 16.72 63.44
C LYS E 10 11.14 16.40 64.67
N LEU E 11 10.67 15.41 65.45
CA LEU E 11 11.36 15.05 66.69
C LEU E 11 12.76 14.55 66.43
N LEU E 12 13.01 13.98 65.25
CA LEU E 12 14.32 13.42 64.94
C LEU E 12 15.45 14.42 65.17
N GLU E 13 15.13 15.71 65.28
CA GLU E 13 16.11 16.73 65.62
C GLU E 13 15.73 17.54 66.86
N VAL E 14 14.46 17.47 67.30
CA VAL E 14 13.99 18.34 68.36
C VAL E 14 14.94 18.31 69.54
N LYS E 15 15.07 19.46 70.20
CA LYS E 15 16.02 19.62 71.28
C LYS E 15 15.42 19.12 72.59
N LEU E 16 16.16 18.27 73.31
CA LEU E 16 15.59 17.67 74.51
C LEU E 16 15.17 18.73 75.52
N GLY E 17 16.00 19.76 75.72
CA GLY E 17 15.67 20.77 76.70
C GLY E 17 14.27 21.31 76.50
N GLU E 18 13.93 21.63 75.25
CA GLU E 18 12.59 22.09 74.91
C GLU E 18 11.65 20.98 74.47
N LEU E 19 12.15 19.75 74.29
CA LEU E 19 11.29 18.65 73.88
C LEU E 19 10.08 18.47 74.78
N PRO E 20 10.18 18.58 76.10
CA PRO E 20 8.96 18.61 76.92
C PRO E 20 7.99 19.68 76.48
N SER E 21 8.47 20.73 75.82
CA SER E 21 7.55 21.69 75.21
C SER E 21 6.94 21.13 73.94
N TRP E 22 7.71 20.39 73.14
CA TRP E 22 7.16 19.85 71.91
C TRP E 22 6.06 18.84 72.21
N ILE E 23 6.29 17.99 73.21
CA ILE E 23 5.29 16.98 73.58
C ILE E 23 3.91 17.61 73.65
N LEU E 24 3.83 18.83 74.17
CA LEU E 24 2.54 19.53 74.23
C LEU E 24 2.25 20.36 72.99
N MET E 25 3.26 20.86 72.27
CA MET E 25 2.97 21.64 71.07
C MET E 25 2.18 20.82 70.05
N ARG E 26 2.59 19.59 69.82
CA ARG E 26 1.82 18.73 68.92
C ARG E 26 0.43 18.48 69.48
N ASP E 27 -0.54 18.45 68.58
CA ASP E 27 -1.89 18.07 68.96
C ASP E 27 -2.00 16.56 69.11
N PHE E 28 -2.88 16.14 70.03
CA PHE E 28 -3.08 14.72 70.31
C PHE E 28 -4.56 14.35 70.25
N THR E 29 -5.32 15.05 69.41
CA THR E 29 -6.67 14.60 69.10
C THR E 29 -6.60 13.35 68.23
N PRO E 30 -7.64 12.50 68.25
CA PRO E 30 -7.56 11.26 67.48
C PRO E 30 -7.26 11.47 66.01
N SER E 31 -7.80 12.54 65.40
CA SER E 31 -7.48 12.82 64.01
C SER E 31 -5.99 13.10 63.85
N GLY E 32 -5.37 13.77 64.83
CA GLY E 32 -3.93 13.90 64.84
C GLY E 32 -3.21 12.57 64.91
N ILE E 33 -3.77 11.61 65.64
CA ILE E 33 -3.21 10.26 65.62
C ILE E 33 -3.33 9.65 64.24
N ALA E 34 -4.46 9.83 63.56
CA ALA E 34 -4.60 9.33 62.20
C ALA E 34 -3.56 9.94 61.29
N GLY E 35 -3.34 11.25 61.41
CA GLY E 35 -2.32 11.93 60.64
C GLY E 35 -0.91 11.45 60.88
N ALA E 36 -0.50 11.30 62.13
CA ALA E 36 0.81 10.73 62.44
C ALA E 36 0.96 9.30 61.96
N PHE E 37 -0.08 8.49 62.13
CA PHE E 37 -0.10 7.15 61.55
C PHE E 37 0.18 7.21 60.06
N GLN E 38 -0.57 8.04 59.34
CA GLN E 38 -0.39 8.12 57.89
C GLN E 38 0.97 8.73 57.55
N ARG E 39 1.40 9.75 58.29
CA ARG E 39 2.71 10.32 57.99
C ARG E 39 3.78 9.24 58.04
N GLY E 40 3.85 8.49 59.14
CA GLY E 40 4.85 7.45 59.25
C GLY E 40 4.68 6.37 58.20
N TYR E 41 3.45 5.91 58.01
CA TYR E 41 3.19 4.84 57.06
C TYR E 41 3.67 5.21 55.66
N TYR E 42 3.26 6.38 55.18
CA TYR E 42 3.60 6.76 53.81
C TYR E 42 5.06 7.17 53.70
N ARG E 43 5.62 7.83 54.71
CA ARG E 43 7.06 8.00 54.76
C ARG E 43 7.76 6.69 54.43
N TYR E 44 7.51 5.67 55.24
CA TYR E 44 8.19 4.40 55.07
C TYR E 44 7.87 3.76 53.73
N TYR E 45 6.59 3.61 53.41
CA TYR E 45 6.16 3.01 52.16
C TYR E 45 6.88 3.64 50.98
N ASN E 46 6.72 4.95 50.82
CA ASN E 46 7.32 5.66 49.71
C ASN E 46 8.83 5.55 49.69
N LYS E 47 9.49 5.62 50.85
CA LYS E 47 10.94 5.51 50.89
C LYS E 47 11.40 4.15 50.37
N TYR E 48 10.73 3.08 50.78
CA TYR E 48 11.25 1.74 50.57
C TYR E 48 10.52 0.93 49.52
N VAL E 49 9.37 1.38 49.03
CA VAL E 49 8.50 0.57 48.18
C VAL E 49 8.39 1.15 46.77
N ASN E 50 7.93 2.38 46.65
CA ASN E 50 7.35 2.84 45.40
C ASN E 50 8.40 3.20 44.36
N VAL E 51 9.29 2.26 44.04
CA VAL E 51 10.32 2.48 43.04
C VAL E 51 10.24 1.37 42.01
N LYS E 52 10.97 1.53 40.91
CA LYS E 52 10.85 0.60 39.80
C LYS E 52 11.41 -0.78 40.15
N LYS E 53 12.50 -0.81 40.90
CA LYS E 53 13.26 -2.05 41.14
C LYS E 53 13.20 -2.39 42.63
N GLY E 54 12.16 -3.12 43.02
CA GLY E 54 11.99 -3.50 44.40
C GLY E 54 12.15 -4.98 44.66
N SER E 55 13.23 -5.36 45.32
CA SER E 55 13.35 -6.71 45.85
C SER E 55 12.56 -6.81 47.15
N ILE E 56 12.66 -7.96 47.80
CA ILE E 56 11.87 -8.22 48.99
C ILE E 56 12.18 -7.23 50.11
N ALA E 57 13.19 -6.36 49.91
CA ALA E 57 13.41 -5.26 50.84
C ALA E 57 12.09 -4.64 51.30
N GLY E 58 11.15 -4.43 50.37
CA GLY E 58 9.89 -3.82 50.75
C GLY E 58 9.07 -4.67 51.69
N LEU E 59 8.95 -5.96 51.40
CA LEU E 59 8.12 -6.86 52.20
C LEU E 59 8.85 -7.39 53.43
N SER E 60 10.06 -7.91 53.23
CA SER E 60 10.79 -8.54 54.33
C SER E 60 10.61 -7.74 55.61
N MET E 61 10.89 -6.43 55.53
CA MET E 61 10.79 -5.56 56.69
C MET E 61 9.58 -5.90 57.53
N VAL E 62 8.39 -5.66 56.99
CA VAL E 62 7.19 -5.76 57.81
C VAL E 62 7.06 -7.18 58.36
N LEU E 63 7.34 -8.18 57.53
CA LEU E 63 7.20 -9.55 58.00
C LEU E 63 7.99 -9.75 59.29
N ALA E 64 9.25 -9.33 59.28
CA ALA E 64 10.06 -9.47 60.48
C ALA E 64 9.36 -8.82 61.66
N ALA E 65 8.97 -7.56 61.50
CA ALA E 65 8.26 -6.87 62.57
C ALA E 65 7.08 -7.72 63.03
N TYR E 66 6.29 -8.19 62.07
CA TYR E 66 5.16 -9.04 62.42
C TYR E 66 5.61 -10.22 63.27
N VAL E 67 6.63 -10.95 62.80
CA VAL E 67 7.17 -12.04 63.61
C VAL E 67 7.40 -11.54 65.03
N PHE E 68 8.19 -10.47 65.16
CA PHE E 68 8.50 -9.94 66.47
C PHE E 68 7.24 -9.74 67.27
N LEU E 69 6.26 -9.05 66.68
CA LEU E 69 4.99 -8.83 67.37
C LEU E 69 4.49 -10.14 67.97
N ASN E 70 4.23 -11.12 67.11
CA ASN E 70 3.64 -12.36 67.60
C ASN E 70 4.45 -12.92 68.75
N TYR E 71 5.78 -12.88 68.64
CA TYR E 71 6.59 -13.38 69.72
C TYR E 71 6.30 -12.61 71.01
N CYS E 72 6.53 -11.31 70.99
CA CYS E 72 6.26 -10.51 72.19
C CYS E 72 4.79 -10.61 72.58
N ARG E 73 3.89 -10.47 71.60
CA ARG E 73 2.48 -10.69 71.85
C ARG E 73 2.25 -11.99 72.60
N SER E 74 3.12 -12.99 72.39
CA SER E 74 2.96 -14.27 73.06
C SER E 74 4.17 -14.63 73.90
N TYR E 75 4.71 -13.68 74.66
CA TYR E 75 5.80 -14.02 75.57
C TYR E 75 5.30 -14.54 76.90
N LYS E 76 4.36 -13.82 77.53
CA LYS E 76 3.81 -14.28 78.80
C LYS E 76 3.32 -15.72 78.69
N GLU E 77 2.73 -16.08 77.56
CA GLU E 77 2.14 -17.40 77.35
C GLU E 77 3.17 -18.46 77.00
N LEU E 78 4.43 -18.08 76.76
CA LEU E 78 5.50 -19.04 76.58
C LEU E 78 6.54 -18.93 77.68
N LYS E 79 6.27 -18.19 78.75
CA LYS E 79 7.21 -18.11 79.86
C LYS E 79 7.41 -19.44 80.55
N HIS E 80 6.54 -20.42 80.29
CA HIS E 80 6.50 -21.65 81.05
C HIS E 80 7.09 -22.84 80.30
N GLU E 81 7.81 -22.59 79.21
CA GLU E 81 8.46 -23.63 78.44
C GLU E 81 9.97 -23.50 78.55
N ARG E 82 10.43 -23.05 79.71
CA ARG E 82 11.83 -22.79 79.93
C ARG E 82 12.62 -24.09 80.06
N LEU E 83 13.86 -24.05 79.60
CA LEU E 83 14.79 -25.15 79.74
C LEU E 83 15.82 -24.92 80.84
N ARG E 84 15.55 -23.98 81.74
CA ARG E 84 16.41 -23.70 82.88
C ARG E 84 15.59 -23.01 83.95
N LYS E 85 15.59 -23.59 85.14
CA LYS E 85 14.83 -23.05 86.27
C LYS E 85 15.64 -22.07 87.09
N TYR E 86 16.96 -22.17 87.04
CA TYR E 86 17.83 -21.21 87.73
C TYR E 86 18.56 -20.39 86.66
N HIS E 87 18.18 -19.12 86.54
CA HIS E 87 18.91 -18.22 85.65
C HIS E 87 18.35 -16.80 85.78
N THR F 20 36.95 -24.38 49.48
CA THR F 20 35.84 -23.68 50.11
C THR F 20 36.09 -22.17 50.07
N TYR F 21 35.03 -21.39 49.79
CA TYR F 21 35.14 -19.95 49.76
C TYR F 21 35.03 -19.35 51.15
N SER F 22 35.15 -20.16 52.20
CA SER F 22 35.28 -19.64 53.55
C SER F 22 36.63 -18.96 53.75
N LYS F 23 37.66 -19.40 53.04
CA LYS F 23 39.00 -18.85 53.25
C LYS F 23 39.09 -17.35 52.97
N PRO F 24 38.63 -16.82 51.83
CA PRO F 24 38.71 -15.36 51.66
C PRO F 24 37.86 -14.60 52.66
N ARG F 25 36.67 -15.11 52.96
CA ARG F 25 35.80 -14.44 53.92
C ARG F 25 36.47 -14.35 55.28
N LEU F 26 37.04 -15.46 55.76
CA LEU F 26 37.70 -15.45 57.05
C LEU F 26 38.96 -14.61 57.01
N ALA F 27 39.66 -14.59 55.88
CA ALA F 27 40.83 -13.72 55.75
C ALA F 27 40.44 -12.28 55.97
N THR F 28 39.39 -11.81 55.28
CA THR F 28 38.95 -10.43 55.46
C THR F 28 38.41 -10.19 56.87
N PHE F 29 37.68 -11.17 57.42
CA PHE F 29 37.16 -11.03 58.77
C PHE F 29 38.28 -10.80 59.76
N TRP F 30 39.31 -11.64 59.72
CA TRP F 30 40.42 -11.49 60.66
C TRP F 30 41.23 -10.23 60.36
N TYR F 31 41.34 -9.86 59.08
CA TYR F 31 41.94 -8.58 58.75
C TYR F 31 41.26 -7.44 59.50
N TYR F 32 39.94 -7.37 59.41
CA TYR F 32 39.22 -6.33 60.14
C TYR F 32 39.38 -6.49 61.65
N ALA F 33 39.26 -7.72 62.15
CA ALA F 33 39.29 -7.94 63.59
C ALA F 33 40.60 -7.49 64.20
N LYS F 34 41.73 -7.82 63.56
CA LYS F 34 43.02 -7.58 64.18
C LYS F 34 43.33 -6.10 64.39
N VAL F 35 42.57 -5.20 63.77
CA VAL F 35 42.81 -3.77 63.96
C VAL F 35 41.61 -3.09 64.62
N GLU F 36 40.41 -3.59 64.33
CA GLU F 36 39.20 -3.00 64.89
C GLU F 36 38.85 -3.53 66.26
N LEU F 37 39.02 -4.83 66.49
CA LEU F 37 38.62 -5.45 67.75
C LEU F 37 39.81 -5.76 68.63
N VAL F 38 41.03 -5.53 68.16
CA VAL F 38 42.22 -5.83 68.95
C VAL F 38 42.13 -5.07 70.27
N PRO F 39 42.57 -5.64 71.39
CA PRO F 39 42.37 -4.97 72.69
C PRO F 39 42.94 -3.57 72.69
N PRO F 40 42.57 -2.76 73.67
CA PRO F 40 43.21 -1.45 73.86
C PRO F 40 44.66 -1.64 74.28
N THR F 41 45.36 -0.52 74.45
CA THR F 41 46.74 -0.51 74.89
C THR F 41 46.86 0.35 76.14
N PRO F 42 47.88 0.12 76.95
CA PRO F 42 48.08 0.97 78.13
C PRO F 42 48.25 2.44 77.77
N ALA F 43 48.70 2.73 76.55
CA ALA F 43 48.75 4.11 76.09
C ALA F 43 47.36 4.74 76.09
N GLU F 44 46.34 3.94 75.76
CA GLU F 44 44.97 4.46 75.78
C GLU F 44 44.55 4.83 77.20
N ILE F 45 45.07 4.10 78.20
CA ILE F 45 44.59 4.28 79.57
C ILE F 45 44.64 5.74 80.00
N PRO F 46 45.76 6.46 79.89
CA PRO F 46 45.76 7.87 80.31
C PRO F 46 44.80 8.72 79.50
N THR F 47 44.93 8.73 78.18
CA THR F 47 44.06 9.53 77.34
C THR F 47 42.60 9.15 77.55
N ALA F 48 42.34 7.84 77.65
CA ALA F 48 40.97 7.38 77.88
C ALA F 48 40.42 7.92 79.19
N ILE F 49 41.22 7.87 80.25
CA ILE F 49 40.75 8.35 81.55
C ILE F 49 40.48 9.84 81.51
N GLN F 50 41.37 10.60 80.86
CA GLN F 50 41.12 12.03 80.74
C GLN F 50 39.84 12.31 79.96
N SER F 51 39.60 11.56 78.89
CA SER F 51 38.35 11.73 78.14
C SER F 51 37.15 11.40 79.02
N LEU F 52 37.24 10.32 79.79
CA LEU F 52 36.17 9.96 80.72
C LEU F 52 35.89 11.10 81.68
N LYS F 53 36.93 11.67 82.27
CA LYS F 53 36.73 12.78 83.20
C LYS F 53 36.12 13.99 82.48
N LYS F 54 36.57 14.28 81.27
CA LYS F 54 35.97 15.35 80.50
C LYS F 54 34.46 15.15 80.38
N ILE F 55 34.06 13.96 79.96
CA ILE F 55 32.64 13.67 79.76
C ILE F 55 31.89 13.77 81.08
N ILE F 56 32.48 13.23 82.15
CA ILE F 56 31.80 13.21 83.44
C ILE F 56 31.58 14.62 83.96
N ASN F 57 32.61 15.47 83.85
CA ASN F 57 32.46 16.85 84.29
C ASN F 57 31.45 17.60 83.43
N SER F 58 31.49 17.37 82.11
CA SER F 58 30.48 17.96 81.24
C SER F 58 29.08 17.60 81.72
N ALA F 59 28.86 16.33 82.04
CA ALA F 59 27.56 15.89 82.52
C ALA F 59 27.21 16.56 83.84
N LYS F 60 28.14 16.57 84.79
CA LYS F 60 27.90 17.21 86.08
C LYS F 60 27.50 18.66 85.91
N THR F 61 28.04 19.33 84.89
CA THR F 61 27.66 20.71 84.61
C THR F 61 26.20 20.83 84.16
N GLY F 62 25.49 19.72 84.04
CA GLY F 62 24.21 19.75 83.34
C GLY F 62 24.43 20.11 81.88
N SER F 63 25.65 20.01 81.41
CA SER F 63 26.01 20.41 80.06
C SER F 63 25.88 19.29 79.05
N PHE F 64 25.34 18.13 79.44
CA PHE F 64 24.95 17.15 78.44
C PHE F 64 23.56 17.44 77.90
N LYS F 65 22.90 18.49 78.41
CA LYS F 65 21.66 18.97 77.83
C LYS F 65 21.85 19.59 76.46
N GLN F 66 23.08 19.60 75.94
CA GLN F 66 23.45 20.32 74.73
C GLN F 66 23.44 19.42 73.50
N LEU F 67 22.92 18.20 73.63
CA LEU F 67 22.90 17.24 72.53
C LEU F 67 21.46 17.00 72.09
N THR F 68 21.29 16.61 70.83
CA THR F 68 19.97 16.34 70.28
C THR F 68 19.63 14.85 70.40
N VAL F 69 18.44 14.50 69.90
CA VAL F 69 17.98 13.12 69.96
C VAL F 69 18.90 12.22 69.15
N LYS F 70 19.30 12.64 67.96
CA LYS F 70 20.11 11.78 67.10
C LYS F 70 21.35 11.29 67.83
N GLU F 71 22.23 12.22 68.21
CA GLU F 71 23.50 11.81 68.81
C GLU F 71 23.30 11.28 70.22
N ALA F 72 22.28 11.76 70.93
CA ALA F 72 22.01 11.22 72.27
C ALA F 72 21.66 9.75 72.20
N LEU F 73 20.76 9.37 71.29
CA LEU F 73 20.46 7.97 71.06
C LEU F 73 21.69 7.22 70.57
N LEU F 74 22.51 7.84 69.73
CA LEU F 74 23.75 7.19 69.32
C LEU F 74 24.57 6.80 70.55
N ASN F 75 24.76 7.75 71.46
CA ASN F 75 25.54 7.48 72.67
C ASN F 75 24.88 6.39 73.50
N GLY F 76 23.57 6.44 73.68
CA GLY F 76 22.89 5.43 74.48
C GLY F 76 23.04 4.04 73.90
N LEU F 77 22.84 3.91 72.59
CA LEU F 77 22.96 2.61 71.93
C LEU F 77 24.39 2.10 72.02
N VAL F 78 25.37 2.97 71.79
CA VAL F 78 26.76 2.58 71.93
C VAL F 78 27.02 2.10 73.36
N ALA F 79 26.47 2.81 74.33
CA ALA F 79 26.67 2.44 75.72
C ALA F 79 26.07 1.07 76.02
N THR F 80 24.90 0.78 75.45
CA THR F 80 24.29 -0.53 75.67
C THR F 80 25.14 -1.64 75.07
N GLU F 81 25.49 -1.51 73.80
CA GLU F 81 26.34 -2.51 73.16
C GLU F 81 27.63 -2.70 73.95
N VAL F 82 28.30 -1.59 74.25
CA VAL F 82 29.42 -1.60 75.16
C VAL F 82 29.11 -2.47 76.38
N TRP F 83 28.04 -2.12 77.10
CA TRP F 83 27.76 -2.77 78.37
C TRP F 83 27.63 -4.28 78.23
N MET F 84 27.21 -4.76 77.06
CA MET F 84 26.92 -6.18 76.98
C MET F 84 28.14 -7.11 77.07
N TRP F 85 29.35 -6.64 76.78
CA TRP F 85 30.47 -7.57 76.90
C TRP F 85 30.58 -8.14 78.32
N PHE F 86 30.00 -7.44 79.30
CA PHE F 86 29.77 -8.08 80.59
C PHE F 86 29.00 -9.39 80.45
N TYR F 87 27.88 -9.36 79.73
CA TYR F 87 27.12 -10.59 79.52
C TYR F 87 27.91 -11.60 78.72
N VAL F 88 28.74 -11.13 77.79
CA VAL F 88 29.60 -12.04 77.04
C VAL F 88 30.53 -12.80 77.99
N GLY F 89 31.16 -12.06 78.91
CA GLY F 89 31.99 -12.70 79.91
C GLY F 89 31.20 -13.63 80.81
N GLU F 90 29.96 -13.25 81.15
CA GLU F 90 29.10 -14.14 81.93
C GLU F 90 28.89 -15.46 81.20
N ILE F 91 28.54 -15.39 79.92
CA ILE F 91 28.37 -16.60 79.12
C ILE F 91 29.63 -17.44 79.17
N ILE F 92 30.75 -16.89 78.70
CA ILE F 92 31.94 -17.72 78.59
C ILE F 92 32.34 -18.27 79.95
N GLY F 93 32.12 -17.51 81.02
CA GLY F 93 32.31 -18.02 82.36
C GLY F 93 31.36 -19.17 82.65
N LYS F 94 30.06 -18.93 82.46
CA LYS F 94 29.06 -19.99 82.58
C LYS F 94 29.11 -20.84 81.31
N ARG F 95 29.92 -21.90 81.34
CA ARG F 95 30.16 -22.68 80.14
C ARG F 95 28.87 -23.13 79.47
N GLY F 96 27.84 -23.45 80.25
CA GLY F 96 26.53 -23.66 79.68
C GLY F 96 26.06 -22.41 78.94
N ILE F 97 25.58 -22.62 77.71
CA ILE F 97 25.11 -21.50 76.90
C ILE F 97 23.91 -20.82 77.51
N ILE F 98 23.30 -21.40 78.53
CA ILE F 98 21.99 -20.99 79.01
C ILE F 98 22.06 -20.56 80.46
N LEU G 2 -17.75 11.72 61.30
CA LEU G 2 -17.11 10.52 60.77
C LEU G 2 -17.72 10.11 59.44
N GLN G 3 -18.89 10.67 59.13
CA GLN G 3 -19.63 10.24 57.95
C GLN G 3 -18.77 10.25 56.70
N SER G 4 -17.68 11.02 56.69
CA SER G 4 -16.78 11.03 55.54
C SER G 4 -16.34 9.62 55.15
N LEU G 5 -16.00 8.79 56.15
CA LEU G 5 -15.60 7.41 55.85
C LEU G 5 -16.74 6.65 55.18
N ILE G 6 -17.97 6.84 55.67
CA ILE G 6 -19.11 6.22 55.02
C ILE G 6 -19.21 6.67 53.57
N LYS G 7 -19.09 7.97 53.34
CA LYS G 7 -19.14 8.49 51.97
C LYS G 7 -18.05 7.87 51.10
N LYS G 8 -16.89 7.57 51.68
CA LYS G 8 -15.85 6.88 50.93
C LYS G 8 -16.11 5.39 50.76
N VAL G 9 -16.96 4.79 51.60
CA VAL G 9 -17.07 3.34 51.67
C VAL G 9 -18.45 2.87 51.21
N TRP G 10 -19.49 3.27 51.94
CA TRP G 10 -20.82 2.80 51.59
C TRP G 10 -21.26 3.28 50.21
N ILE G 11 -20.68 4.38 49.73
CA ILE G 11 -21.07 4.96 48.45
C ILE G 11 -20.61 4.06 47.31
N PRO G 12 -19.32 3.73 47.21
CA PRO G 12 -18.89 2.86 46.12
C PRO G 12 -19.53 1.48 46.16
N MET G 13 -20.03 1.05 47.32
CA MET G 13 -20.50 -0.32 47.50
C MET G 13 -22.03 -0.42 47.55
N LYS G 14 -22.74 0.63 47.14
CA LYS G 14 -24.20 0.53 47.09
C LYS G 14 -24.64 -0.69 46.32
N PRO G 15 -24.35 -0.77 45.01
CA PRO G 15 -24.94 -1.85 44.20
C PRO G 15 -24.66 -3.20 44.82
N TYR G 16 -23.38 -3.49 45.02
CA TYR G 16 -22.99 -4.74 45.67
C TYR G 16 -23.85 -4.99 46.90
N TYR G 17 -23.79 -4.07 47.86
CA TYR G 17 -24.53 -4.23 49.10
C TYR G 17 -26.04 -4.07 48.91
N THR G 18 -26.50 -3.41 47.85
CA THR G 18 -27.92 -3.10 47.70
C THR G 18 -28.68 -4.13 46.88
N GLN G 19 -28.10 -4.62 45.79
CA GLN G 19 -28.75 -5.63 44.96
C GLN G 19 -27.95 -6.93 44.91
N ALA G 20 -26.64 -6.85 44.68
CA ALA G 20 -25.85 -8.06 44.51
C ALA G 20 -25.76 -8.87 45.81
N TYR G 21 -25.94 -8.22 46.96
CA TYR G 21 -25.69 -8.86 48.24
C TYR G 21 -26.95 -9.11 49.06
N GLN G 22 -28.13 -8.69 48.58
CA GLN G 22 -29.37 -9.08 49.25
C GLN G 22 -29.29 -10.54 49.69
N GLU G 23 -28.81 -11.38 48.78
CA GLU G 23 -28.64 -12.79 49.07
C GLU G 23 -27.60 -13.01 50.16
N ILE G 24 -26.51 -12.24 50.11
CA ILE G 24 -25.49 -12.34 51.15
C ILE G 24 -26.04 -11.88 52.48
N TRP G 25 -26.93 -10.87 52.48
CA TRP G 25 -27.55 -10.44 53.72
C TRP G 25 -28.43 -11.53 54.31
N VAL G 26 -29.19 -12.24 53.47
CA VAL G 26 -29.98 -13.35 53.98
C VAL G 26 -29.06 -14.44 54.55
N GLY G 27 -27.95 -14.71 53.86
CA GLY G 27 -26.97 -15.64 54.40
C GLY G 27 -26.45 -15.20 55.76
N THR G 28 -26.21 -13.89 55.91
CA THR G 28 -25.76 -13.36 57.19
C THR G 28 -26.82 -13.56 58.27
N GLY G 29 -28.10 -13.40 57.90
CA GLY G 29 -29.17 -13.69 58.85
C GLY G 29 -29.15 -15.13 59.30
N LEU G 30 -28.90 -16.05 58.37
CA LEU G 30 -28.77 -17.46 58.76
C LEU G 30 -27.58 -17.65 59.69
N MET G 31 -26.47 -16.97 59.41
CA MET G 31 -25.34 -16.92 60.33
C MET G 31 -25.80 -16.53 61.73
N ALA G 32 -26.57 -15.45 61.80
CA ALA G 32 -27.03 -14.96 63.10
C ALA G 32 -27.80 -16.04 63.84
N TYR G 33 -28.75 -16.67 63.15
CA TYR G 33 -29.56 -17.70 63.79
C TYR G 33 -28.70 -18.85 64.29
N ILE G 34 -27.84 -19.39 63.41
CA ILE G 34 -27.06 -20.57 63.77
C ILE G 34 -26.10 -20.25 64.90
N VAL G 35 -25.45 -19.08 64.85
CA VAL G 35 -24.49 -18.74 65.89
C VAL G 35 -25.20 -18.51 67.22
N TYR G 36 -26.40 -17.93 67.19
CA TYR G 36 -27.17 -17.81 68.43
C TYR G 36 -27.49 -19.18 69.00
N LYS G 37 -27.87 -20.13 68.15
CA LYS G 37 -28.20 -21.45 68.66
C LYS G 37 -26.98 -22.17 69.19
N ILE G 38 -25.82 -21.99 68.55
CA ILE G 38 -24.60 -22.58 69.08
C ILE G 38 -24.23 -21.93 70.41
N ARG G 39 -24.49 -20.63 70.54
CA ARG G 39 -24.31 -19.98 71.84
C ARG G 39 -25.23 -20.59 72.88
N SER G 40 -26.47 -20.88 72.49
CA SER G 40 -27.39 -21.54 73.42
C SER G 40 -26.84 -22.89 73.84
N ALA G 41 -26.30 -23.65 72.88
CA ALA G 41 -25.70 -24.94 73.21
C ALA G 41 -24.55 -24.77 74.18
N ASP G 42 -23.66 -23.81 73.92
CA ASP G 42 -22.53 -23.58 74.81
C ASP G 42 -22.99 -23.20 76.20
N LYS G 43 -23.94 -22.26 76.29
CA LYS G 43 -24.43 -21.83 77.60
C LYS G 43 -25.03 -23.00 78.36
N ARG G 44 -25.94 -23.73 77.72
CA ARG G 44 -26.58 -24.86 78.38
C ARG G 44 -25.55 -25.87 78.86
N SER G 45 -24.66 -26.32 77.96
CA SER G 45 -23.66 -27.30 78.35
C SER G 45 -22.75 -26.77 79.46
N LYS G 46 -22.54 -25.45 79.51
CA LYS G 46 -21.82 -24.84 80.61
C LYS G 46 -22.74 -24.16 81.61
N ALA G 47 -24.06 -24.26 81.41
CA ALA G 47 -25.00 -23.94 82.48
C ALA G 47 -25.11 -25.07 83.48
N LEU G 48 -24.70 -26.29 83.10
CA LEU G 48 -24.72 -27.46 83.96
C LEU G 48 -23.45 -27.60 84.78
N LYS G 49 -22.42 -26.83 84.45
CA LYS G 49 -21.15 -26.86 85.16
C LYS G 49 -20.81 -25.49 85.72
N PRO H 1 -0.25 12.92 36.11
CA PRO H 1 0.27 14.17 36.70
C PRO H 1 1.27 13.95 37.83
N VAL H 2 1.13 12.83 38.54
CA VAL H 2 1.99 12.59 39.70
C VAL H 2 3.44 12.51 39.24
N PRO H 3 4.40 12.99 40.03
CA PRO H 3 5.81 12.95 39.61
C PRO H 3 6.25 11.52 39.29
N PRO H 4 7.42 11.35 38.69
CA PRO H 4 7.87 10.01 38.34
C PRO H 4 8.20 9.19 39.59
N LEU H 5 8.23 7.88 39.42
CA LEU H 5 8.55 7.00 40.53
C LEU H 5 9.99 7.25 40.98
N PRO H 6 10.26 7.33 42.28
CA PRO H 6 11.66 7.33 42.72
C PRO H 6 12.37 6.09 42.21
N GLU H 7 13.63 6.25 41.82
CA GLU H 7 14.34 5.15 41.17
C GLU H 7 14.66 4.02 42.14
N HIS H 8 14.95 4.34 43.41
CA HIS H 8 15.46 3.34 44.32
C HIS H 8 14.74 3.46 45.66
N GLY H 9 14.76 2.36 46.41
CA GLY H 9 14.29 2.35 47.78
C GLY H 9 15.46 2.41 48.76
N GLY H 10 15.11 2.24 50.03
CA GLY H 10 16.13 2.29 51.07
C GLY H 10 17.10 1.14 51.01
N LYS H 11 18.38 1.45 50.78
CA LYS H 11 19.39 0.41 50.73
C LYS H 11 19.49 -0.29 52.08
N VAL H 12 19.69 -1.61 52.03
CA VAL H 12 19.54 -2.45 53.20
C VAL H 12 20.71 -3.42 53.28
N ARG H 13 20.98 -3.90 54.49
CA ARG H 13 21.97 -4.92 54.73
C ARG H 13 21.24 -6.18 55.18
N PHE H 14 21.63 -7.33 54.63
CA PHE H 14 20.94 -8.59 54.85
C PHE H 14 19.46 -8.48 54.54
N GLY H 15 19.07 -7.50 53.74
CA GLY H 15 17.68 -7.31 53.38
C GLY H 15 16.75 -7.07 54.54
N LEU H 16 17.27 -6.73 55.73
CA LEU H 16 16.44 -6.55 56.91
C LEU H 16 16.73 -5.27 57.68
N ILE H 17 17.90 -4.66 57.52
CA ILE H 17 18.26 -3.47 58.27
C ILE H 17 18.76 -2.41 57.29
N PRO H 18 18.09 -1.26 57.17
CA PRO H 18 18.60 -0.21 56.27
C PRO H 18 20.01 0.22 56.66
N GLU H 19 20.81 0.54 55.64
CA GLU H 19 22.18 0.96 55.88
C GLU H 19 22.26 2.25 56.68
N GLU H 20 21.27 3.14 56.56
CA GLU H 20 21.31 4.40 57.28
C GLU H 20 21.53 4.18 58.77
N PHE H 21 20.96 3.10 59.30
CA PHE H 21 21.26 2.73 60.68
C PHE H 21 22.75 2.46 60.87
N PHE H 22 23.34 1.74 59.91
CA PHE H 22 24.77 1.45 60.00
C PHE H 22 25.58 2.74 60.00
N GLN H 23 25.19 3.71 59.16
CA GLN H 23 25.87 5.00 59.16
C GLN H 23 25.69 5.74 60.48
N PHE H 24 24.49 5.67 61.06
CA PHE H 24 24.28 6.27 62.38
C PHE H 24 25.24 5.68 63.40
N LEU H 25 25.45 4.36 63.34
CA LEU H 25 26.43 3.70 64.18
C LEU H 25 27.86 4.10 63.86
N TYR H 26 28.15 4.36 62.59
CA TYR H 26 29.53 4.49 62.10
C TYR H 26 30.39 5.44 62.91
N PRO H 27 29.94 6.64 63.29
CA PRO H 27 30.85 7.57 63.98
C PRO H 27 31.50 7.00 65.23
N LYS H 28 30.75 6.28 66.06
CA LYS H 28 31.25 5.88 67.37
C LYS H 28 31.87 4.49 67.32
N THR H 29 31.55 3.70 66.29
CA THR H 29 32.06 2.34 66.16
C THR H 29 32.93 2.15 64.94
N GLY H 30 33.13 3.18 64.12
CA GLY H 30 33.78 2.94 62.86
C GLY H 30 32.91 2.02 62.02
N VAL H 31 33.34 0.76 61.89
CA VAL H 31 32.64 -0.21 61.06
C VAL H 31 31.92 -1.26 61.91
N THR H 32 32.59 -1.73 62.97
CA THR H 32 32.20 -2.96 63.65
C THR H 32 30.82 -2.91 64.31
N GLY H 33 30.40 -1.74 64.80
CA GLY H 33 29.30 -1.65 65.74
C GLY H 33 28.11 -2.57 65.49
N PRO H 34 27.43 -2.39 64.35
CA PRO H 34 26.14 -3.07 64.18
C PRO H 34 26.21 -4.58 64.33
N TYR H 35 27.28 -5.20 63.81
CA TYR H 35 27.37 -6.66 63.89
C TYR H 35 27.49 -7.11 65.35
N VAL H 36 28.37 -6.45 66.10
CA VAL H 36 28.54 -6.77 67.52
C VAL H 36 27.22 -6.57 68.25
N LEU H 37 26.51 -5.49 67.94
CA LEU H 37 25.25 -5.22 68.64
C LEU H 37 24.21 -6.28 68.32
N GLY H 38 24.08 -6.67 67.06
CA GLY H 38 23.12 -7.71 66.73
C GLY H 38 23.41 -8.99 67.47
N THR H 39 24.69 -9.40 67.46
CA THR H 39 25.07 -10.63 68.12
C THR H 39 24.85 -10.52 69.62
N GLY H 40 25.19 -9.38 70.19
CA GLY H 40 24.95 -9.13 71.57
C GLY H 40 23.49 -9.29 71.89
N LEU H 41 22.60 -8.65 71.16
CA LEU H 41 21.19 -8.77 71.49
C LEU H 41 20.72 -10.20 71.40
N ILE H 42 21.16 -10.93 70.39
CA ILE H 42 20.79 -12.34 70.30
C ILE H 42 21.20 -13.07 71.58
N LEU H 43 22.43 -12.85 72.02
CA LEU H 43 22.90 -13.49 73.24
C LEU H 43 22.10 -13.02 74.45
N TYR H 44 21.78 -11.74 74.50
CA TYR H 44 21.02 -11.20 75.61
C TYR H 44 19.68 -11.90 75.72
N LEU H 45 19.06 -12.15 74.57
CA LEU H 45 17.72 -12.71 74.56
C LEU H 45 17.74 -14.22 74.75
N LEU H 46 18.87 -14.86 74.41
CA LEU H 46 18.95 -16.31 74.59
C LEU H 46 19.47 -16.68 75.97
N SER H 47 20.69 -16.24 76.28
CA SER H 47 21.30 -16.51 77.59
C SER H 47 20.33 -16.21 78.72
N LYS H 48 19.91 -14.96 78.82
CA LYS H 48 18.98 -14.56 79.88
C LYS H 48 17.63 -15.24 79.72
N GLU H 49 17.49 -16.09 78.71
CA GLU H 49 16.23 -16.79 78.48
C GLU H 49 15.11 -15.77 78.24
N ILE H 50 15.24 -15.09 77.12
CA ILE H 50 14.18 -14.23 76.61
C ILE H 50 13.66 -14.73 75.29
N TYR H 51 14.54 -15.06 74.35
CA TYR H 51 14.23 -16.06 73.33
C TYR H 51 14.50 -17.45 73.92
N VAL H 52 13.51 -18.32 73.77
CA VAL H 52 13.60 -19.71 74.22
C VAL H 52 13.53 -20.61 73.01
N ILE H 53 14.57 -21.42 72.80
CA ILE H 53 14.51 -22.42 71.75
C ILE H 53 13.29 -23.28 71.97
N THR H 54 12.50 -23.46 70.93
CA THR H 54 11.21 -24.11 71.05
C THR H 54 10.82 -24.73 69.72
N PRO H 55 9.87 -25.66 69.70
CA PRO H 55 9.45 -26.24 68.41
C PRO H 55 9.22 -25.16 67.36
N GLU H 56 8.43 -24.14 67.71
CA GLU H 56 8.19 -23.06 66.77
C GLU H 56 9.50 -22.37 66.37
N THR H 57 10.53 -22.43 67.22
CA THR H 57 11.80 -21.87 66.82
C THR H 57 12.37 -22.60 65.61
N PHE H 58 12.31 -23.94 65.63
CA PHE H 58 12.80 -24.70 64.49
C PHE H 58 11.87 -24.57 63.31
N SER H 59 10.58 -24.39 63.55
CA SER H 59 9.67 -24.10 62.44
C SER H 59 10.09 -22.79 61.76
N ALA H 60 10.44 -21.78 62.55
CA ALA H 60 10.96 -20.54 61.99
C ALA H 60 12.25 -20.80 61.22
N ILE H 61 13.13 -21.61 61.78
CA ILE H 61 14.37 -21.93 61.09
C ILE H 61 14.08 -22.47 59.71
N SER H 62 13.15 -23.43 59.62
CA SER H 62 12.79 -24.01 58.34
C SER H 62 12.18 -22.98 57.40
N THR H 63 11.20 -22.22 57.91
CA THR H 63 10.51 -21.26 57.06
C THR H 63 11.50 -20.28 56.45
N ILE H 64 12.43 -19.76 57.26
CA ILE H 64 13.38 -18.80 56.75
C ILE H 64 14.37 -19.47 55.80
N GLY H 65 14.83 -20.67 56.16
CA GLY H 65 15.79 -21.37 55.32
C GLY H 65 15.21 -21.68 53.97
N PHE H 66 13.88 -21.70 53.88
CA PHE H 66 13.20 -21.83 52.60
C PHE H 66 13.00 -20.50 51.88
N LEU H 67 12.48 -19.50 52.59
CA LEU H 67 12.19 -18.23 51.93
C LEU H 67 13.46 -17.60 51.38
N VAL H 68 14.56 -17.66 52.13
CA VAL H 68 15.81 -17.06 51.67
C VAL H 68 16.26 -17.71 50.37
N TYR H 69 16.23 -19.04 50.31
CA TYR H 69 16.63 -19.73 49.10
C TYR H 69 15.70 -19.37 47.95
N ILE H 70 14.40 -19.33 48.21
CA ILE H 70 13.44 -19.03 47.15
C ILE H 70 13.71 -17.65 46.56
N VAL H 71 13.87 -16.66 47.42
CA VAL H 71 14.12 -15.30 46.93
C VAL H 71 15.44 -15.27 46.16
N LYS H 72 16.51 -15.79 46.76
CA LYS H 72 17.81 -15.73 46.12
C LYS H 72 17.78 -16.42 44.76
N LYS H 73 16.83 -17.33 44.57
CA LYS H 73 16.74 -18.08 43.32
C LYS H 73 15.82 -17.45 42.28
N TYR H 74 14.75 -16.75 42.70
CA TYR H 74 13.73 -16.30 41.75
C TYR H 74 13.43 -14.80 41.81
N GLY H 75 14.11 -14.04 42.68
CA GLY H 75 13.83 -12.63 42.80
C GLY H 75 14.07 -11.90 41.50
N ALA H 76 15.21 -12.19 40.87
CA ALA H 76 15.44 -11.66 39.54
C ALA H 76 14.29 -12.00 38.61
N SER H 77 14.04 -13.29 38.41
CA SER H 77 13.02 -13.70 37.44
C SER H 77 11.74 -12.90 37.61
N VAL H 78 11.24 -12.82 38.85
CA VAL H 78 10.02 -12.04 39.06
C VAL H 78 10.25 -10.58 38.71
N GLY H 79 11.43 -10.04 39.04
CA GLY H 79 11.68 -8.63 38.78
C GLY H 79 11.59 -8.30 37.30
N GLU H 80 12.39 -8.98 36.48
CA GLU H 80 12.32 -8.68 35.05
C GLU H 80 10.97 -9.06 34.47
N PHE H 81 10.28 -10.04 35.06
CA PHE H 81 8.94 -10.37 34.55
C PHE H 81 8.00 -9.18 34.69
N ALA H 82 7.92 -8.62 35.89
CA ALA H 82 7.05 -7.47 36.11
C ALA H 82 7.50 -6.28 35.27
N ASP H 83 8.82 -6.04 35.23
CA ASP H 83 9.32 -4.92 34.46
C ASP H 83 8.98 -5.07 32.99
N LYS H 84 9.07 -6.30 32.48
CA LYS H 84 8.66 -6.58 31.12
C LYS H 84 7.17 -6.27 30.92
N LEU H 85 6.34 -6.66 31.87
CA LEU H 85 4.92 -6.32 31.76
C LEU H 85 4.75 -4.83 31.55
N ASN H 86 5.39 -4.03 32.42
CA ASN H 86 5.22 -2.58 32.34
C ASN H 86 5.74 -2.04 31.02
N GLU H 87 6.96 -2.42 30.63
CA GLU H 87 7.52 -1.94 29.37
C GLU H 87 6.63 -2.33 28.21
N GLN H 88 6.12 -3.55 28.22
CA GLN H 88 5.18 -3.99 27.20
C GLN H 88 4.05 -2.99 27.05
N LYS H 89 3.34 -2.69 28.15
CA LYS H 89 2.19 -1.81 28.00
C LYS H 89 2.61 -0.41 27.58
N ILE H 90 3.73 0.09 28.12
CA ILE H 90 4.18 1.43 27.74
C ILE H 90 4.43 1.50 26.24
N ALA H 91 5.12 0.50 25.70
CA ALA H 91 5.37 0.46 24.27
C ALA H 91 4.07 0.34 23.49
N GLN H 92 3.15 -0.49 23.96
CA GLN H 92 1.88 -0.64 23.28
C GLN H 92 1.14 0.69 23.19
N LEU H 93 1.27 1.52 24.23
CA LEU H 93 0.56 2.80 24.21
C LEU H 93 1.26 3.81 23.32
N GLU H 94 2.58 3.91 23.43
CA GLU H 94 3.29 4.88 22.60
C GLU H 94 3.14 4.55 21.13
N GLU H 95 3.20 3.26 20.77
CA GLU H 95 3.12 2.89 19.36
C GLU H 95 1.75 3.22 18.78
N VAL H 96 0.69 2.99 19.55
CA VAL H 96 -0.64 3.35 19.06
C VAL H 96 -0.74 4.87 18.92
N LYS H 97 -0.13 5.62 19.83
CA LYS H 97 -0.05 7.07 19.65
C LYS H 97 0.63 7.41 18.32
N GLN H 98 1.74 6.75 18.03
CA GLN H 98 2.47 7.01 16.80
C GLN H 98 1.59 6.71 15.58
N ALA H 99 0.92 5.57 15.60
CA ALA H 99 0.05 5.22 14.48
C ALA H 99 -1.06 6.23 14.30
N SER H 100 -1.61 6.71 15.42
CA SER H 100 -2.66 7.72 15.36
C SER H 100 -2.15 9.00 14.71
N ILE H 101 -0.96 9.46 15.13
CA ILE H 101 -0.45 10.70 14.54
C ILE H 101 -0.16 10.49 13.06
N LYS H 102 0.37 9.34 12.68
CA LYS H 102 0.61 9.09 11.26
C LYS H 102 -0.70 9.14 10.48
N GLN H 103 -1.75 8.56 11.05
CA GLN H 103 -3.08 8.66 10.46
C GLN H 103 -3.47 10.12 10.28
N ILE H 104 -3.15 10.97 11.26
CA ILE H 104 -3.49 12.38 11.15
C ILE H 104 -2.75 13.03 10.00
N GLN H 105 -1.45 12.75 9.85
CA GLN H 105 -0.72 13.30 8.71
C GLN H 105 -1.30 12.79 7.39
N ASP H 106 -1.75 11.54 7.36
CA ASP H 106 -2.42 11.06 6.16
C ASP H 106 -3.63 11.91 5.83
N ALA H 107 -4.46 12.20 6.83
CA ALA H 107 -5.57 13.11 6.60
C ALA H 107 -5.07 14.44 6.06
N ILE H 108 -4.02 14.98 6.67
CA ILE H 108 -3.54 16.33 6.35
C ILE H 108 -3.09 16.39 4.89
N ASP H 109 -2.24 15.46 4.48
CA ASP H 109 -1.69 15.53 3.14
C ASP H 109 -2.75 15.19 2.10
N MET H 110 -3.70 14.30 2.41
CA MET H 110 -4.79 14.07 1.48
C MET H 110 -5.59 15.35 1.27
N GLU H 111 -5.86 16.08 2.35
CA GLU H 111 -6.47 17.40 2.22
C GLU H 111 -5.65 18.31 1.32
N LYS H 112 -4.35 18.45 1.61
CA LYS H 112 -3.49 19.31 0.80
C LYS H 112 -3.58 18.93 -0.66
N SER H 113 -3.60 17.63 -0.95
CA SER H 113 -3.71 17.16 -2.32
C SER H 113 -5.01 17.63 -2.96
N GLN H 114 -6.12 17.54 -2.23
CA GLN H 114 -7.38 18.01 -2.78
C GLN H 114 -7.30 19.51 -3.09
N GLN H 115 -6.69 20.27 -2.19
CA GLN H 115 -6.59 21.71 -2.41
C GLN H 115 -5.70 22.03 -3.60
N ALA H 116 -4.68 21.21 -3.85
CA ALA H 116 -3.89 21.37 -5.06
C ALA H 116 -4.75 21.10 -6.29
N LEU H 117 -5.48 19.98 -6.29
CA LEU H 117 -6.35 19.66 -7.41
C LEU H 117 -7.34 20.79 -7.70
N VAL H 118 -7.78 21.48 -6.66
CA VAL H 118 -8.63 22.65 -6.85
C VAL H 118 -8.01 23.58 -7.90
N GLN H 119 -6.70 23.79 -7.81
CA GLN H 119 -6.03 24.72 -8.71
C GLN H 119 -6.35 24.41 -10.17
N LYS H 120 -6.19 23.15 -10.56
CA LYS H 120 -6.44 22.77 -11.95
C LYS H 120 -7.90 22.45 -12.22
N ARG H 121 -8.78 22.54 -11.22
CA ARG H 121 -10.19 22.23 -11.44
C ARG H 121 -10.79 22.93 -12.65
N HIS H 122 -10.17 24.00 -13.17
CA HIS H 122 -10.72 24.76 -14.30
C HIS H 122 -10.37 24.20 -15.67
N TYR H 123 -9.39 23.30 -15.76
CA TYR H 123 -8.98 22.78 -17.05
C TYR H 123 -10.14 22.18 -17.84
N LEU H 124 -11.13 21.60 -17.16
CA LEU H 124 -12.26 21.05 -17.90
C LEU H 124 -12.92 22.11 -18.76
N PHE H 125 -13.28 23.24 -18.16
CA PHE H 125 -13.94 24.29 -18.91
C PHE H 125 -12.99 24.91 -19.93
N ASP H 126 -11.71 25.01 -19.57
CA ASP H 126 -10.74 25.52 -20.54
C ASP H 126 -10.77 24.68 -21.81
N VAL H 127 -10.73 23.36 -21.64
CA VAL H 127 -10.74 22.44 -22.78
C VAL H 127 -12.05 22.57 -23.56
N GLN H 128 -13.17 22.60 -22.83
CA GLN H 128 -14.47 22.75 -23.48
C GLN H 128 -14.49 23.98 -24.38
N ARG H 129 -13.98 25.09 -23.87
CA ARG H 129 -13.96 26.33 -24.64
C ARG H 129 -13.05 26.24 -25.84
N ASN H 130 -11.84 25.73 -25.64
CA ASN H 130 -10.95 25.52 -26.79
C ASN H 130 -11.67 24.74 -27.88
N ASN H 131 -12.28 23.62 -27.51
CA ASN H 131 -12.92 22.76 -28.49
C ASN H 131 -14.03 23.50 -29.23
N ILE H 132 -14.93 24.13 -28.48
CA ILE H 132 -16.09 24.76 -29.12
C ILE H 132 -15.64 25.88 -30.04
N ALA H 133 -14.71 26.72 -29.55
CA ALA H 133 -14.25 27.83 -30.37
C ALA H 133 -13.62 27.34 -31.65
N MET H 134 -12.71 26.38 -31.54
CA MET H 134 -12.04 25.90 -32.75
C MET H 134 -13.02 25.21 -33.68
N ALA H 135 -14.09 24.61 -33.14
CA ALA H 135 -15.13 24.05 -33.99
C ALA H 135 -15.82 25.14 -34.80
N LEU H 136 -16.15 26.25 -34.14
CA LEU H 136 -16.71 27.38 -34.88
C LEU H 136 -15.74 27.82 -35.98
N GLU H 137 -14.45 27.83 -35.66
CA GLU H 137 -13.45 28.17 -36.67
C GLU H 137 -13.47 27.16 -37.82
N VAL H 138 -13.69 25.89 -37.50
CA VAL H 138 -13.80 24.87 -38.53
C VAL H 138 -14.91 25.24 -39.49
N THR H 139 -16.08 25.56 -38.94
CA THR H 139 -17.20 25.94 -39.80
C THR H 139 -16.83 27.13 -40.67
N TYR H 140 -16.31 28.20 -40.06
CA TYR H 140 -15.81 29.35 -40.81
C TYR H 140 -14.98 28.92 -42.02
N ARG H 141 -13.89 28.21 -41.75
CA ARG H 141 -12.92 27.93 -42.79
C ARG H 141 -13.50 27.03 -43.86
N GLU H 142 -14.22 25.99 -43.45
CA GLU H 142 -14.79 25.08 -44.45
C GLU H 142 -15.80 25.80 -45.34
N ARG H 143 -16.60 26.70 -44.77
CA ARG H 143 -17.52 27.48 -45.59
C ARG H 143 -16.75 28.28 -46.63
N LEU H 144 -15.67 28.94 -46.21
CA LEU H 144 -14.86 29.70 -47.16
C LEU H 144 -14.38 28.81 -48.31
N HIS H 145 -13.74 27.69 -47.96
CA HIS H 145 -13.21 26.83 -49.01
C HIS H 145 -14.32 26.29 -49.88
N ARG H 146 -15.49 26.06 -49.31
CA ARG H 146 -16.59 25.45 -50.06
C ARG H 146 -17.17 26.43 -51.06
N VAL H 147 -17.30 27.71 -50.68
CA VAL H 147 -17.73 28.72 -51.64
C VAL H 147 -16.71 28.84 -52.76
N TYR H 148 -15.43 28.84 -52.42
CA TYR H 148 -14.40 28.88 -53.45
C TYR H 148 -14.57 27.72 -54.42
N ARG H 149 -14.81 26.53 -53.89
CA ARG H 149 -15.02 25.36 -54.74
C ARG H 149 -16.21 25.57 -55.66
N GLU H 150 -17.34 26.03 -55.11
CA GLU H 150 -18.53 26.14 -55.94
C GLU H 150 -18.26 27.10 -57.09
N VAL H 151 -17.65 28.25 -56.81
CA VAL H 151 -17.50 29.24 -57.85
C VAL H 151 -16.57 28.73 -58.95
N LYS H 152 -15.46 28.11 -58.56
CA LYS H 152 -14.59 27.56 -59.60
C LYS H 152 -15.33 26.51 -60.43
N ASN H 153 -16.04 25.59 -59.78
CA ASN H 153 -16.83 24.61 -60.51
C ASN H 153 -17.74 25.28 -61.52
N ARG H 154 -18.47 26.30 -61.05
CA ARG H 154 -19.43 26.98 -61.91
C ARG H 154 -18.74 27.48 -63.17
N LEU H 155 -17.62 28.17 -63.00
CA LEU H 155 -16.96 28.74 -64.18
C LEU H 155 -16.34 27.66 -65.05
N ASP H 156 -15.87 26.58 -64.43
CA ASP H 156 -15.28 25.47 -65.19
C ASP H 156 -16.29 24.87 -66.15
N TYR H 157 -17.54 24.74 -65.71
CA TYR H 157 -18.57 24.26 -66.62
C TYR H 157 -18.49 24.98 -67.96
N HIS H 158 -18.47 26.31 -67.92
CA HIS H 158 -18.55 27.07 -69.16
C HIS H 158 -17.22 27.03 -69.91
N ILE H 159 -16.10 26.93 -69.19
CA ILE H 159 -14.85 26.70 -69.90
C ILE H 159 -14.92 25.41 -70.68
N SER H 160 -15.44 24.35 -70.07
CA SER H 160 -15.58 23.08 -70.76
C SER H 160 -16.54 23.21 -71.93
N VAL H 161 -17.63 23.97 -71.76
CA VAL H 161 -18.53 24.22 -72.88
C VAL H 161 -17.76 24.83 -74.04
N GLN H 162 -16.92 25.82 -73.74
CA GLN H 162 -16.14 26.45 -74.81
C GLN H 162 -15.22 25.46 -75.49
N ASN H 163 -14.52 24.65 -74.70
CA ASN H 163 -13.54 23.73 -75.27
C ASN H 163 -14.24 22.68 -76.14
N MET H 164 -15.34 22.13 -75.64
CA MET H 164 -16.07 21.13 -76.42
C MET H 164 -16.67 21.76 -77.68
N MET H 165 -17.20 22.97 -77.55
CA MET H 165 -17.68 23.71 -78.72
C MET H 165 -16.58 23.79 -79.77
N ARG H 166 -15.41 24.26 -79.37
CA ARG H 166 -14.32 24.45 -80.32
C ARG H 166 -13.93 23.14 -80.97
N GLN H 167 -13.72 22.09 -80.17
CA GLN H 167 -13.24 20.84 -80.74
C GLN H 167 -14.29 20.22 -81.66
N LYS H 168 -15.55 20.21 -81.25
CA LYS H 168 -16.57 19.59 -82.09
C LYS H 168 -16.71 20.35 -83.40
N GLU H 169 -16.67 21.68 -83.34
CA GLU H 169 -16.67 22.46 -84.57
C GLU H 169 -15.44 22.14 -85.40
N GLN H 170 -14.31 21.92 -84.72
CA GLN H 170 -13.09 21.55 -85.40
C GLN H 170 -13.32 20.32 -86.27
N GLU H 171 -13.80 19.23 -85.66
CA GLU H 171 -13.96 18.00 -86.43
C GLU H 171 -15.02 18.14 -87.51
N HIS H 172 -16.12 18.83 -87.20
CA HIS H 172 -17.12 19.11 -88.22
C HIS H 172 -16.46 19.77 -89.42
N MET H 173 -15.60 20.74 -89.16
CA MET H 173 -15.10 21.53 -90.27
C MET H 173 -13.94 20.82 -90.96
N ILE H 174 -13.30 19.89 -90.26
CA ILE H 174 -12.46 18.92 -90.95
C ILE H 174 -13.29 18.24 -92.03
N ASN H 175 -14.32 17.53 -91.59
CA ASN H 175 -15.20 16.84 -92.53
C ASN H 175 -15.50 17.74 -93.72
N TRP H 176 -16.03 18.93 -93.43
CA TRP H 176 -16.34 19.88 -94.49
C TRP H 176 -15.16 20.12 -95.41
N VAL H 177 -13.99 20.42 -94.83
CA VAL H 177 -12.86 20.89 -95.63
C VAL H 177 -12.36 19.79 -96.55
N GLU H 178 -12.11 18.59 -96.01
CA GLU H 178 -11.62 17.54 -96.90
C GLU H 178 -12.68 17.12 -97.92
N LYS H 179 -13.97 17.17 -97.57
CA LYS H 179 -14.97 16.87 -98.57
C LYS H 179 -14.94 17.90 -99.71
N ARG H 180 -14.78 19.18 -99.37
CA ARG H 180 -14.61 20.20 -100.41
C ARG H 180 -13.34 19.95 -101.21
N VAL H 181 -12.27 19.49 -100.55
CA VAL H 181 -11.03 19.23 -101.28
C VAL H 181 -11.25 18.17 -102.34
N VAL H 182 -11.87 17.05 -101.95
CA VAL H 182 -12.11 15.99 -102.92
C VAL H 182 -13.12 16.45 -103.97
N GLN H 183 -14.02 17.36 -103.59
CA GLN H 183 -14.96 17.93 -104.55
C GLN H 183 -14.22 18.71 -105.62
N SER H 184 -13.27 19.55 -105.20
CA SER H 184 -12.61 20.49 -106.10
C SER H 184 -11.54 19.80 -106.93
N ILE H 185 -10.83 18.84 -106.35
CA ILE H 185 -9.70 18.20 -107.01
C ILE H 185 -10.07 17.76 -108.42
N SER H 186 -11.34 17.48 -108.68
CA SER H 186 -11.79 17.18 -110.04
C SER H 186 -11.45 18.29 -111.02
N ALA H 187 -11.09 19.48 -110.54
CA ALA H 187 -10.83 20.62 -111.40
C ALA H 187 -9.64 20.36 -112.32
N GLN H 188 -9.62 21.04 -113.46
CA GLN H 188 -8.61 20.81 -114.50
C GLN H 188 -7.30 21.49 -114.13
N GLN H 189 -6.39 20.70 -113.58
CA GLN H 189 -5.01 21.15 -113.37
C GLN H 189 -4.02 20.11 -113.89
N GLU H 190 -4.46 19.18 -114.73
CA GLU H 190 -3.63 18.05 -115.11
C GLU H 190 -2.34 18.52 -115.76
N LYS H 191 -2.40 19.19 -116.92
CA LYS H 191 -1.19 19.57 -117.63
C LYS H 191 -0.25 20.37 -116.73
N GLU H 192 -0.80 21.33 -115.98
CA GLU H 192 0.04 22.12 -115.08
C GLU H 192 0.70 21.21 -114.05
N THR H 193 -0.08 20.31 -113.44
CA THR H 193 0.46 19.41 -112.43
C THR H 193 1.57 18.55 -113.01
N ILE H 194 1.38 18.04 -114.23
CA ILE H 194 2.39 17.20 -114.85
C ILE H 194 3.65 18.00 -115.11
N ALA H 195 3.51 19.24 -115.59
CA ALA H 195 4.68 20.08 -115.81
C ALA H 195 5.46 20.28 -114.52
N LYS H 196 4.76 20.66 -113.46
CA LYS H 196 5.45 20.91 -112.20
C LYS H 196 6.06 19.63 -111.66
N CYS H 197 5.36 18.50 -111.78
CA CYS H 197 5.90 17.25 -111.27
C CYS H 197 7.13 16.81 -112.03
N ILE H 198 7.14 16.96 -113.36
CA ILE H 198 8.33 16.59 -114.11
C ILE H 198 9.49 17.51 -113.77
N ALA H 199 9.21 18.80 -113.54
CA ALA H 199 10.25 19.68 -113.04
C ALA H 199 10.77 19.19 -111.69
N ASP H 200 9.84 18.76 -110.82
CA ASP H 200 10.23 18.24 -109.51
C ASP H 200 11.10 17.01 -109.64
N LEU H 201 10.79 16.15 -110.61
CA LEU H 201 11.59 14.95 -110.83
C LEU H 201 12.95 15.28 -111.42
N LYS H 202 13.00 16.28 -112.29
CA LYS H 202 14.29 16.79 -112.75
C LYS H 202 15.15 17.20 -111.56
N LEU H 203 14.57 17.99 -110.66
CA LEU H 203 15.30 18.40 -109.46
C LEU H 203 15.63 17.21 -108.58
N LEU H 204 14.73 16.23 -108.52
CA LEU H 204 14.94 15.07 -107.67
C LEU H 204 16.10 14.23 -108.16
N SER H 205 16.23 14.10 -109.47
CA SER H 205 17.42 13.45 -110.04
C SER H 205 18.67 14.28 -109.76
N LYS H 206 18.60 15.58 -110.03
CA LYS H 206 19.75 16.44 -109.79
C LYS H 206 20.28 16.27 -108.38
N LYS H 207 19.38 16.32 -107.39
CA LYS H 207 19.78 16.15 -106.00
C LYS H 207 20.16 14.71 -105.70
N ALA H 208 19.58 13.76 -106.42
CA ALA H 208 19.84 12.35 -106.16
C ALA H 208 21.32 12.03 -106.36
N GLN H 209 22.03 12.87 -107.10
CA GLN H 209 23.45 12.68 -107.34
C GLN H 209 24.24 13.85 -106.76
N ASP I 5 6.43 28.99 -101.38
CA ASP I 5 5.41 28.73 -100.37
C ASP I 5 4.01 28.68 -101.00
N PRO I 6 3.76 29.51 -102.02
CA PRO I 6 2.51 29.37 -102.77
C PRO I 6 2.50 28.22 -103.78
N VAL I 7 3.65 27.90 -104.38
CA VAL I 7 3.68 27.03 -105.55
C VAL I 7 2.95 25.70 -105.33
N GLN I 8 2.79 25.27 -104.08
CA GLN I 8 2.15 23.99 -103.80
C GLN I 8 0.65 24.22 -103.80
N LYS I 9 0.02 24.02 -104.95
CA LYS I 9 -1.36 24.45 -105.12
C LYS I 9 -2.28 23.81 -104.09
N LEU I 10 -1.92 22.64 -103.57
CA LEU I 10 -2.75 22.02 -102.55
C LEU I 10 -2.86 22.91 -101.31
N PHE I 11 -1.74 23.53 -100.91
CA PHE I 11 -1.78 24.41 -99.74
C PHE I 11 -2.73 25.58 -99.95
N VAL I 12 -2.58 26.29 -101.07
CA VAL I 12 -3.46 27.42 -101.33
C VAL I 12 -4.90 26.97 -101.50
N ASP I 13 -5.09 25.78 -102.08
CA ASP I 13 -6.44 25.23 -102.23
C ASP I 13 -7.10 25.05 -100.88
N LYS I 14 -6.40 24.39 -99.95
CA LYS I 14 -6.93 24.25 -98.60
C LYS I 14 -7.16 25.62 -97.98
N ILE I 15 -6.23 26.55 -98.21
CA ILE I 15 -6.33 27.88 -97.62
C ILE I 15 -7.60 28.58 -98.10
N ARG I 16 -7.89 28.49 -99.40
CA ARG I 16 -9.02 29.23 -99.95
C ARG I 16 -10.34 28.57 -99.59
N GLU I 17 -10.37 27.24 -99.54
CA GLU I 17 -11.55 26.58 -98.96
C GLU I 17 -11.76 27.06 -97.54
N TYR I 18 -10.67 27.17 -96.78
CA TYR I 18 -10.72 27.64 -95.40
C TYR I 18 -11.31 29.04 -95.32
N ARG I 19 -10.84 29.94 -96.18
CA ARG I 19 -11.39 31.29 -96.20
C ARG I 19 -12.88 31.26 -96.53
N THR I 20 -13.21 30.77 -97.73
CA THR I 20 -14.61 30.63 -98.13
C THR I 20 -15.47 30.14 -96.97
N LYS I 21 -14.98 29.16 -96.21
CA LYS I 21 -15.61 28.88 -94.92
C LYS I 21 -15.73 30.13 -94.07
N ARG I 22 -14.60 30.66 -93.59
CA ARG I 22 -14.70 31.60 -92.49
C ARG I 22 -15.67 32.72 -92.84
N GLN I 23 -15.67 33.15 -94.10
CA GLN I 23 -16.74 34.02 -94.59
C GLN I 23 -18.09 33.32 -94.44
N THR I 24 -18.14 32.03 -94.76
CA THR I 24 -19.33 31.22 -94.52
C THR I 24 -19.59 31.00 -93.04
N SER I 25 -18.81 31.62 -92.15
CA SER I 25 -18.98 31.46 -90.72
C SER I 25 -20.12 32.31 -90.16
N GLY I 26 -21.05 32.77 -91.02
CA GLY I 26 -22.28 33.37 -90.53
C GLY I 26 -23.02 32.38 -89.66
N GLY I 27 -22.72 31.10 -89.85
CA GLY I 27 -23.15 30.05 -88.98
C GLY I 27 -22.21 28.86 -89.12
N PRO I 28 -22.40 27.82 -88.31
CA PRO I 28 -21.61 26.60 -88.51
C PRO I 28 -22.04 25.87 -89.77
N VAL I 29 -21.22 25.98 -90.82
CA VAL I 29 -21.67 25.60 -92.16
C VAL I 29 -22.09 24.15 -92.17
N ASP I 30 -23.29 23.91 -92.70
CA ASP I 30 -23.78 22.54 -92.89
C ASP I 30 -23.81 21.78 -91.57
N ALA I 31 -24.29 22.44 -90.52
CA ALA I 31 -24.36 21.78 -89.22
C ALA I 31 -25.15 20.49 -89.32
N GLY I 32 -26.36 20.54 -89.87
CA GLY I 32 -27.18 19.36 -90.02
C GLY I 32 -27.67 18.87 -88.67
N PRO I 33 -28.83 18.22 -88.64
CA PRO I 33 -29.44 17.91 -87.34
C PRO I 33 -28.56 17.07 -86.44
N GLU I 34 -27.89 16.05 -87.00
CA GLU I 34 -27.00 15.20 -86.23
C GLU I 34 -26.12 16.01 -85.30
N TYR I 35 -25.66 17.16 -85.77
CA TYR I 35 -24.80 18.03 -84.98
C TYR I 35 -25.50 18.45 -83.70
N GLN I 36 -26.72 18.97 -83.83
CA GLN I 36 -27.46 19.44 -82.66
C GLN I 36 -27.86 18.30 -81.75
N GLN I 37 -28.23 17.15 -82.32
CA GLN I 37 -28.51 16.00 -81.48
C GLN I 37 -27.30 15.62 -80.64
N ASP I 38 -26.11 15.58 -81.24
CA ASP I 38 -24.91 15.39 -80.46
C ASP I 38 -24.82 16.46 -79.37
N LEU I 39 -24.85 17.73 -79.77
CA LEU I 39 -24.82 18.83 -78.81
C LEU I 39 -25.65 18.48 -77.60
N ASP I 40 -26.91 18.10 -77.84
CA ASP I 40 -27.79 17.74 -76.74
C ASP I 40 -27.18 16.64 -75.89
N ARG I 41 -26.75 15.55 -76.54
CA ARG I 41 -26.23 14.42 -75.78
C ARG I 41 -25.07 14.83 -74.88
N GLU I 42 -23.97 15.30 -75.48
CA GLU I 42 -22.77 15.59 -74.69
C GLU I 42 -23.02 16.72 -73.70
N LEU I 43 -23.76 17.75 -74.09
CA LEU I 43 -24.01 18.84 -73.16
C LEU I 43 -24.81 18.36 -71.96
N PHE I 44 -25.80 17.50 -72.19
CA PHE I 44 -26.60 17.01 -71.08
C PHE I 44 -25.75 16.17 -70.14
N LYS I 45 -24.91 15.29 -70.71
CA LYS I 45 -23.99 14.50 -69.90
C LYS I 45 -23.09 15.40 -69.05
N LEU I 46 -22.49 16.39 -69.70
CA LEU I 46 -21.70 17.39 -68.98
C LEU I 46 -22.50 18.00 -67.85
N LYS I 47 -23.76 18.34 -68.11
CA LYS I 47 -24.56 19.01 -67.10
C LYS I 47 -24.77 18.13 -65.88
N GLN I 48 -25.14 16.85 -66.09
CA GLN I 48 -25.19 15.98 -64.91
C GLN I 48 -23.86 15.99 -64.18
N MET I 49 -22.76 15.88 -64.91
CA MET I 49 -21.47 15.83 -64.24
C MET I 49 -21.27 17.07 -63.38
N TYR I 50 -21.74 18.22 -63.86
CA TYR I 50 -21.63 19.46 -63.09
C TYR I 50 -22.77 19.63 -62.10
N GLY I 51 -23.94 19.10 -62.42
CA GLY I 51 -25.07 19.18 -61.53
C GLY I 51 -26.28 19.81 -62.22
N LYS I 52 -27.35 19.95 -61.45
CA LYS I 52 -28.63 20.43 -61.95
C LYS I 52 -28.90 21.89 -61.57
N ALA I 53 -27.95 22.55 -60.90
CA ALA I 53 -28.21 23.89 -60.39
C ALA I 53 -28.46 24.87 -61.53
N ASP I 54 -29.21 25.93 -61.23
CA ASP I 54 -29.44 27.00 -62.20
C ASP I 54 -28.11 27.69 -62.49
N MET I 55 -27.52 27.35 -63.64
CA MET I 55 -26.09 27.55 -63.82
C MET I 55 -25.81 28.98 -64.28
N ASN I 56 -26.34 29.92 -63.51
CA ASN I 56 -26.27 31.32 -63.90
C ASN I 56 -26.04 32.27 -62.72
N THR I 57 -26.37 31.83 -61.52
CA THR I 57 -26.31 32.66 -60.32
C THR I 57 -25.29 32.14 -59.32
N PHE I 58 -25.10 32.93 -58.27
CA PHE I 58 -24.43 32.47 -57.07
C PHE I 58 -25.45 31.79 -56.16
N PRO I 59 -25.50 30.46 -56.10
CA PRO I 59 -26.50 29.82 -55.23
C PRO I 59 -26.16 30.07 -53.77
N ASN I 60 -26.96 30.91 -53.13
CA ASN I 60 -26.74 31.22 -51.72
C ASN I 60 -26.91 29.98 -50.86
N PHE I 61 -26.38 30.05 -49.65
CA PHE I 61 -26.07 28.86 -48.86
C PHE I 61 -26.77 28.77 -47.52
N THR I 62 -26.78 29.84 -46.72
CA THR I 62 -27.48 29.83 -45.45
C THR I 62 -26.92 28.73 -44.53
N PHE I 63 -25.65 28.92 -44.17
CA PHE I 63 -24.90 27.86 -43.51
C PHE I 63 -25.47 27.57 -42.13
N GLU I 64 -25.23 26.35 -41.66
CA GLU I 64 -25.84 25.84 -40.45
C GLU I 64 -24.78 25.62 -39.36
N ASP I 65 -25.12 26.04 -38.14
CA ASP I 65 -24.25 25.98 -36.98
C ASP I 65 -24.67 24.84 -36.07
N PRO I 66 -23.74 24.31 -35.24
CA PRO I 66 -24.00 23.15 -34.38
C PRO I 66 -25.40 23.14 -33.76
N ARG J 6 27.47 -15.91 -109.34
CA ARG J 6 26.06 -15.81 -108.97
C ARG J 6 25.30 -14.96 -109.97
N PRO J 7 24.02 -15.25 -110.18
CA PRO J 7 23.20 -14.38 -111.00
C PRO J 7 23.03 -13.01 -110.35
N PRO J 8 22.66 -11.99 -111.12
CA PRO J 8 22.51 -10.65 -110.53
C PRO J 8 21.44 -10.64 -109.46
N VAL J 9 20.22 -11.03 -109.83
CA VAL J 9 19.11 -11.11 -108.89
C VAL J 9 19.08 -12.54 -108.36
N GLN J 10 19.45 -12.71 -107.10
CA GLN J 10 19.48 -14.03 -106.48
C GLN J 10 18.03 -14.45 -106.22
N ILE J 11 17.36 -14.88 -107.29
CA ILE J 11 15.96 -15.25 -107.18
C ILE J 11 15.80 -16.38 -106.17
N TYR J 12 14.59 -16.51 -105.66
CA TYR J 12 14.26 -17.52 -104.67
C TYR J 12 12.95 -18.20 -105.04
N GLY J 13 12.78 -19.42 -104.54
CA GLY J 13 11.76 -20.32 -104.98
C GLY J 13 12.34 -21.47 -105.80
N ILE J 14 11.63 -22.59 -105.79
CA ILE J 14 12.13 -23.78 -106.48
C ILE J 14 12.45 -23.46 -107.92
N GLU J 15 11.53 -22.80 -108.62
CA GLU J 15 11.83 -22.34 -109.96
C GLU J 15 12.88 -21.24 -109.91
N GLY J 16 12.93 -20.49 -108.81
CA GLY J 16 14.05 -19.57 -108.61
C GLY J 16 15.37 -20.31 -108.49
N ARG J 17 15.39 -21.42 -107.75
CA ARG J 17 16.59 -22.24 -107.68
C ARG J 17 17.02 -22.68 -109.07
N TYR J 18 16.08 -23.22 -109.85
CA TYR J 18 16.41 -23.72 -111.18
C TYR J 18 16.88 -22.59 -112.09
N ALA J 19 16.23 -21.43 -111.99
CA ALA J 19 16.66 -20.28 -112.79
C ALA J 19 18.07 -19.87 -112.45
N THR J 20 18.41 -19.82 -111.15
CA THR J 20 19.77 -19.51 -110.75
C THR J 20 20.74 -20.55 -111.29
N ALA J 21 20.36 -21.82 -111.20
CA ALA J 21 21.22 -22.88 -111.70
C ALA J 21 21.50 -22.69 -113.19
N LEU J 22 20.46 -22.48 -113.98
CA LEU J 22 20.64 -22.32 -115.42
C LEU J 22 21.38 -21.04 -115.73
N TYR J 23 21.25 -20.01 -114.89
CA TYR J 23 21.97 -18.78 -115.14
C TYR J 23 23.45 -18.96 -114.90
N SER J 24 23.82 -19.59 -113.79
CA SER J 24 25.22 -19.93 -113.58
C SER J 24 25.71 -20.82 -114.73
N ALA J 25 24.85 -21.71 -115.22
CA ALA J 25 25.23 -22.58 -116.32
C ALA J 25 25.55 -21.79 -117.57
N ALA J 26 24.55 -21.11 -118.13
CA ALA J 26 24.74 -20.37 -119.37
C ALA J 26 25.78 -19.28 -119.21
N SER J 27 25.99 -18.79 -117.99
CA SER J 27 27.08 -17.83 -117.75
C SER J 27 28.36 -18.32 -118.41
N LYS J 28 28.86 -19.46 -117.96
CA LYS J 28 29.77 -20.23 -118.79
C LYS J 28 29.00 -20.75 -119.99
N GLN J 29 29.71 -20.92 -121.11
CA GLN J 29 29.10 -21.35 -122.37
C GLN J 29 28.34 -20.20 -123.01
N ASN J 30 28.15 -19.11 -122.29
CA ASN J 30 27.53 -17.88 -122.80
C ASN J 30 26.35 -18.19 -123.72
N LYS J 31 25.52 -19.14 -123.30
CA LYS J 31 24.29 -19.42 -124.01
C LYS J 31 23.21 -18.41 -123.69
N LEU J 32 23.51 -17.42 -122.83
CA LEU J 32 22.48 -16.56 -122.28
C LEU J 32 21.47 -16.14 -123.35
N GLU J 33 21.93 -15.45 -124.39
CA GLU J 33 21.02 -15.14 -125.48
C GLU J 33 20.46 -16.41 -126.09
N GLN J 34 21.31 -17.39 -126.37
CA GLN J 34 20.85 -18.62 -127.01
C GLN J 34 19.90 -19.39 -126.10
N VAL J 35 20.38 -19.76 -124.92
CA VAL J 35 19.56 -20.54 -124.01
C VAL J 35 18.26 -19.80 -123.71
N GLU J 36 18.34 -18.50 -123.46
CA GLU J 36 17.14 -17.75 -123.11
C GLU J 36 16.17 -17.69 -124.27
N LYS J 37 16.68 -17.53 -125.49
CA LYS J 37 15.81 -17.67 -126.65
C LYS J 37 15.10 -19.01 -126.60
N GLU J 38 15.86 -20.09 -126.38
CA GLU J 38 15.27 -21.41 -126.29
C GLU J 38 14.19 -21.44 -125.21
N LEU J 39 14.43 -20.76 -124.09
CA LEU J 39 13.44 -20.68 -123.03
C LEU J 39 12.16 -20.02 -123.53
N LEU J 40 12.32 -18.93 -124.28
CA LEU J 40 11.15 -18.31 -124.90
C LEU J 40 10.42 -19.30 -125.78
N ARG J 41 11.16 -20.00 -126.65
CA ARG J 41 10.52 -20.86 -127.64
C ARG J 41 9.79 -22.02 -126.97
N VAL J 42 10.30 -22.49 -125.83
CA VAL J 42 9.61 -23.55 -125.10
C VAL J 42 8.51 -22.99 -124.22
N GLY J 43 8.53 -21.68 -123.95
CA GLY J 43 7.50 -21.09 -123.11
C GLY J 43 6.11 -21.30 -123.68
N GLN J 44 6.01 -21.52 -125.00
CA GLN J 44 4.72 -21.70 -125.64
C GLN J 44 4.29 -23.16 -125.71
N ILE J 45 5.23 -24.09 -125.85
CA ILE J 45 4.90 -25.50 -125.98
C ILE J 45 4.19 -25.99 -124.74
N ALA J 100 7.56 -21.15 -115.99
CA ALA J 100 7.74 -20.47 -114.71
C ALA J 100 9.22 -20.26 -114.42
N VAL J 101 9.98 -21.36 -114.38
CA VAL J 101 11.43 -21.23 -114.28
C VAL J 101 11.94 -20.36 -115.42
N ILE J 102 11.34 -20.52 -116.60
CA ILE J 102 11.66 -19.65 -117.73
C ILE J 102 11.47 -18.19 -117.32
N SER J 103 10.39 -17.90 -116.61
CA SER J 103 10.10 -16.52 -116.23
C SER J 103 11.20 -15.95 -115.35
N ALA J 104 11.60 -16.71 -114.32
CA ALA J 104 12.66 -16.24 -113.43
C ALA J 104 13.96 -16.06 -114.19
N PHE J 105 14.31 -17.03 -115.04
CA PHE J 105 15.55 -16.93 -115.81
C PHE J 105 15.53 -15.71 -116.71
N SER J 106 14.39 -15.45 -117.37
CA SER J 106 14.28 -14.30 -118.26
C SER J 106 14.42 -13.00 -117.50
N THR J 107 13.74 -12.89 -116.35
CA THR J 107 13.94 -11.73 -115.50
C THR J 107 15.41 -11.55 -115.18
N MET J 108 16.06 -12.64 -114.78
CA MET J 108 17.45 -12.57 -114.34
C MET J 108 18.36 -12.12 -115.48
N MET J 109 18.10 -12.62 -116.68
CA MET J 109 18.91 -12.22 -117.83
C MET J 109 18.65 -10.79 -118.24
N SER J 110 17.37 -10.44 -118.44
CA SER J 110 17.01 -9.04 -118.63
C SER J 110 17.79 -8.16 -117.67
N VAL J 111 17.89 -8.58 -116.41
CA VAL J 111 18.71 -7.86 -115.44
C VAL J 111 20.16 -7.83 -115.92
N HIS J 112 20.68 -8.99 -116.35
CA HIS J 112 22.02 -9.03 -116.90
C HIS J 112 22.27 -7.88 -117.87
N ARG J 113 21.39 -7.72 -118.85
CA ARG J 113 21.61 -6.70 -119.87
C ARG J 113 21.30 -5.30 -119.37
N GLY J 114 21.19 -5.11 -118.05
CA GLY J 114 21.13 -3.79 -117.48
C GLY J 114 19.86 -3.05 -117.79
N GLU J 115 18.71 -3.62 -117.45
CA GLU J 115 17.43 -2.96 -117.60
C GLU J 115 16.91 -2.57 -116.23
N VAL J 116 15.75 -1.92 -116.21
CA VAL J 116 15.06 -1.61 -114.96
C VAL J 116 13.56 -1.69 -115.21
N PRO J 117 12.81 -2.44 -114.41
CA PRO J 117 11.35 -2.48 -114.61
C PRO J 117 10.68 -1.28 -113.96
N CYS J 118 10.12 -0.42 -114.81
CA CYS J 118 9.50 0.81 -114.36
C CYS J 118 8.01 0.81 -114.66
N THR J 119 7.26 1.45 -113.76
CA THR J 119 5.82 1.59 -113.90
C THR J 119 5.44 3.04 -113.64
N VAL J 120 4.56 3.57 -114.47
CA VAL J 120 4.14 4.96 -114.42
C VAL J 120 2.63 5.01 -114.39
N THR J 121 2.08 5.58 -113.32
CA THR J 121 0.64 5.60 -113.10
C THR J 121 0.17 7.03 -112.98
N THR J 122 -1.04 7.31 -113.46
CA THR J 122 -1.58 8.65 -113.39
C THR J 122 -3.09 8.57 -113.47
N ALA J 123 -3.76 9.63 -112.98
CA ALA J 123 -5.21 9.67 -113.04
C ALA J 123 -5.73 9.44 -114.46
N SER J 124 -5.03 9.99 -115.45
CA SER J 124 -5.38 9.80 -116.85
C SER J 124 -4.10 9.58 -117.63
N ALA J 125 -4.20 9.64 -118.96
CA ALA J 125 -3.05 9.41 -119.82
C ALA J 125 -2.18 10.66 -119.85
N LEU J 126 -1.09 10.59 -120.62
CA LEU J 126 -0.08 11.64 -120.69
C LEU J 126 0.13 12.01 -122.15
N ASP J 127 1.14 12.84 -122.40
CA ASP J 127 1.47 13.29 -123.74
C ASP J 127 2.87 12.84 -124.12
N GLU J 128 3.07 12.60 -125.41
CA GLU J 128 4.33 12.05 -125.88
C GLU J 128 5.51 12.86 -125.36
N ALA J 129 5.38 14.18 -125.32
CA ALA J 129 6.41 15.01 -124.72
C ALA J 129 6.64 14.61 -123.26
N THR J 130 5.60 14.76 -122.44
CA THR J 130 5.66 14.37 -121.04
C THR J 130 6.43 13.07 -120.85
N LEU J 131 6.04 12.03 -121.59
CA LEU J 131 6.75 10.76 -121.49
C LEU J 131 8.20 10.87 -121.95
N THR J 132 8.47 11.70 -122.95
CA THR J 132 9.84 11.85 -123.43
C THR J 132 10.74 12.40 -122.32
N GLU J 133 10.33 13.52 -121.73
CA GLU J 133 11.11 14.10 -120.65
C GLU J 133 11.15 13.15 -119.45
N LEU J 134 10.06 12.41 -119.23
CA LEU J 134 10.07 11.41 -118.18
C LEU J 134 11.21 10.42 -118.40
N LYS J 135 11.14 9.66 -119.49
CA LYS J 135 12.19 8.69 -119.77
C LYS J 135 13.56 9.34 -119.69
N THR J 136 13.66 10.61 -120.11
CA THR J 136 14.94 11.31 -120.01
C THR J 136 15.43 11.35 -118.57
N VAL J 137 14.60 11.87 -117.67
CA VAL J 137 15.03 12.02 -116.28
C VAL J 137 15.21 10.66 -115.61
N LEU J 138 14.39 9.68 -115.99
CA LEU J 138 14.57 8.33 -115.46
C LEU J 138 15.94 7.78 -115.84
N LYS J 139 16.28 7.83 -117.13
CA LYS J 139 17.62 7.45 -117.55
C LYS J 139 18.67 8.21 -116.76
N SER J 140 18.44 9.50 -116.52
CA SER J 140 19.35 10.26 -115.67
C SER J 140 19.53 9.56 -114.32
N PHE J 141 18.43 9.13 -113.69
CA PHE J 141 18.56 8.29 -112.51
C PHE J 141 19.32 7.02 -112.82
N LEU J 142 18.96 6.34 -113.90
CA LEU J 142 19.54 5.02 -114.16
C LEU J 142 21.05 5.13 -114.35
N SER J 143 21.74 4.13 -113.83
CA SER J 143 23.20 4.06 -113.94
C SER J 143 23.60 3.72 -115.36
N LYS J 144 24.90 3.52 -115.55
CA LYS J 144 25.43 3.22 -116.88
C LYS J 144 24.79 1.95 -117.42
N GLY J 145 24.47 1.97 -118.71
CA GLY J 145 23.96 0.79 -119.38
C GLY J 145 22.71 0.25 -118.73
N GLN J 146 22.01 1.10 -117.99
CA GLN J 146 20.78 0.68 -117.32
C GLN J 146 19.61 0.96 -118.24
N VAL J 147 19.33 0.01 -119.14
CA VAL J 147 18.19 0.16 -120.03
C VAL J 147 16.94 0.40 -119.21
N LEU J 148 15.97 1.06 -119.82
CA LEU J 148 14.72 1.41 -119.16
C LEU J 148 13.59 0.57 -119.73
N LYS J 149 12.79 -0.01 -118.84
CA LYS J 149 11.59 -0.78 -119.21
C LYS J 149 10.42 -0.12 -118.50
N LEU J 150 9.79 0.83 -119.19
CA LEU J 150 8.72 1.60 -118.58
C LEU J 150 7.42 0.78 -118.55
N GLU J 151 6.40 1.38 -117.94
CA GLU J 151 5.04 0.88 -118.05
C GLU J 151 4.13 2.02 -117.62
N VAL J 152 3.24 2.46 -118.52
CA VAL J 152 2.44 3.64 -118.30
C VAL J 152 1.05 3.20 -117.84
N LYS J 153 0.88 3.08 -116.54
CA LYS J 153 -0.45 2.84 -115.97
C LYS J 153 -1.25 4.14 -115.98
N ILE J 154 -2.57 3.99 -116.01
CA ILE J 154 -3.46 5.13 -115.89
C ILE J 154 -4.57 4.76 -114.93
N ASP J 155 -4.44 5.18 -113.67
CA ASP J 155 -5.38 4.80 -112.63
C ASP J 155 -6.00 6.02 -111.99
N PRO J 156 -7.33 6.15 -111.97
CA PRO J 156 -7.96 7.33 -111.37
C PRO J 156 -8.09 7.27 -109.86
N SER J 157 -7.73 6.16 -109.22
CA SER J 157 -7.78 6.11 -107.76
C SER J 157 -7.04 7.31 -107.17
N ILE J 158 -5.91 7.67 -107.75
CA ILE J 158 -5.34 8.98 -107.48
C ILE J 158 -6.21 10.02 -108.16
N MET J 159 -6.65 11.01 -107.40
CA MET J 159 -7.44 12.10 -107.93
C MET J 159 -6.57 13.21 -108.50
N GLY J 160 -5.26 12.98 -108.60
CA GLY J 160 -4.37 13.94 -109.24
C GLY J 160 -2.95 13.47 -109.14
N GLY J 161 -2.08 14.25 -109.78
CA GLY J 161 -0.67 13.90 -109.79
C GLY J 161 -0.44 12.55 -110.46
N MET J 162 0.65 11.90 -110.07
CA MET J 162 1.01 10.62 -110.64
C MET J 162 1.98 9.88 -109.71
N ILE J 163 2.46 8.74 -110.20
CA ILE J 163 3.24 7.79 -109.39
C ILE J 163 4.26 7.11 -110.29
N VAL J 164 5.44 6.85 -109.72
CA VAL J 164 6.52 6.18 -110.40
C VAL J 164 7.05 5.05 -109.52
N ARG J 165 7.21 3.88 -110.12
CA ARG J 165 8.01 2.81 -109.54
C ARG J 165 9.19 2.56 -110.46
N ILE J 166 10.39 2.55 -109.90
CA ILE J 166 11.58 2.15 -110.62
C ILE J 166 11.96 0.80 -110.03
N GLY J 167 11.43 -0.26 -110.61
CA GLY J 167 11.50 -1.55 -109.95
C GLY J 167 11.17 -1.39 -108.47
N GLU J 168 12.13 -1.76 -107.63
CA GLU J 168 11.99 -1.62 -106.19
C GLU J 168 11.74 -0.19 -105.74
N LYS J 169 12.53 0.76 -106.21
CA LYS J 169 12.43 2.15 -105.78
C LYS J 169 11.05 2.72 -106.09
N TYR J 170 10.61 3.67 -105.28
CA TYR J 170 9.23 4.17 -105.39
C TYR J 170 9.16 5.66 -105.10
N VAL J 171 8.19 6.32 -105.75
CA VAL J 171 7.79 7.68 -105.41
C VAL J 171 6.36 7.88 -105.89
N ASP J 172 5.60 8.67 -105.14
CA ASP J 172 4.19 8.91 -105.45
C ASP J 172 3.92 10.39 -105.26
N MET J 173 4.02 11.16 -106.34
CA MET J 173 3.60 12.56 -106.31
C MET J 173 2.20 12.68 -106.89
N SER J 174 1.26 12.02 -106.22
CA SER J 174 -0.13 12.05 -106.60
C SER J 174 -0.87 13.02 -105.69
N ALA J 175 -2.11 13.33 -106.07
CA ALA J 175 -2.93 14.19 -105.24
C ALA J 175 -3.33 13.47 -103.96
N LYS J 176 -3.77 12.23 -104.08
CA LYS J 176 -4.33 11.52 -102.93
C LYS J 176 -3.31 11.39 -101.81
N THR J 177 -2.07 11.05 -102.15
CA THR J 177 -1.05 10.89 -101.11
C THR J 177 -0.86 12.18 -100.33
N LYS J 178 -0.71 13.31 -101.03
CA LYS J 178 -0.52 14.59 -100.36
C LYS J 178 -1.75 14.97 -99.56
N ILE J 179 -2.94 14.68 -100.10
CA ILE J 179 -4.16 14.92 -99.36
C ILE J 179 -4.12 14.20 -98.03
N GLN J 180 -3.76 12.92 -98.06
CA GLN J 180 -3.73 12.15 -96.83
C GLN J 180 -2.69 12.71 -95.88
N LYS J 181 -1.50 13.03 -96.40
CA LYS J 181 -0.46 13.59 -95.55
C LYS J 181 -0.95 14.84 -94.83
N LEU J 182 -1.49 15.79 -95.59
CA LEU J 182 -1.94 17.04 -95.00
C LEU J 182 -3.09 16.80 -94.03
N SER J 183 -4.02 15.92 -94.40
CA SER J 183 -5.13 15.63 -93.51
C SER J 183 -4.62 15.12 -92.16
N ARG J 184 -3.89 14.00 -92.19
CA ARG J 184 -3.44 13.40 -90.94
C ARG J 184 -2.57 14.38 -90.16
N ALA J 185 -1.76 15.18 -90.86
CA ALA J 185 -0.95 16.17 -90.17
C ALA J 185 -1.81 17.28 -89.60
N MET J 186 -3.02 17.46 -90.12
CA MET J 186 -3.90 18.51 -89.66
C MET J 186 -4.87 18.04 -88.57
N ARG J 187 -4.98 16.73 -88.34
CA ARG J 187 -5.91 16.26 -87.32
C ARG J 187 -5.60 16.89 -85.96
N GLU J 188 -4.42 16.64 -85.42
CA GLU J 188 -4.08 17.13 -84.09
C GLU J 188 -4.27 18.64 -83.99
N ALA K 6 -12.84 30.36 -86.59
CA ALA K 6 -12.16 31.55 -86.12
C ALA K 6 -10.73 31.21 -85.69
N GLU K 7 -10.43 31.39 -84.39
CA GLU K 7 -9.13 31.02 -83.88
C GLU K 7 -8.79 29.57 -84.18
N VAL K 8 -9.72 28.66 -83.92
CA VAL K 8 -9.55 27.27 -84.36
C VAL K 8 -9.18 27.26 -85.84
N SER K 9 -9.88 28.07 -86.63
CA SER K 9 -9.61 28.14 -88.06
C SER K 9 -8.17 28.56 -88.33
N SER K 10 -7.73 29.65 -87.69
CA SER K 10 -6.36 30.11 -87.92
C SER K 10 -5.39 28.99 -87.59
N ILE K 11 -5.50 28.43 -86.39
CA ILE K 11 -4.54 27.41 -85.98
C ILE K 11 -4.54 26.25 -86.95
N LEU K 12 -5.70 25.92 -87.52
CA LEU K 12 -5.73 24.95 -88.61
C LEU K 12 -4.85 25.41 -89.76
N GLU K 13 -4.93 26.69 -90.11
CA GLU K 13 -4.11 27.18 -91.21
C GLU K 13 -2.62 27.03 -90.91
N GLU K 14 -2.19 27.44 -89.72
CA GLU K 14 -0.76 27.31 -89.42
C GLU K 14 -0.33 25.85 -89.41
N ARG K 15 -1.15 24.97 -88.82
CA ARG K 15 -0.77 23.57 -88.80
C ARG K 15 -0.64 23.03 -90.22
N ILE K 16 -1.55 23.42 -91.12
CA ILE K 16 -1.39 23.08 -92.52
C ILE K 16 -0.07 23.60 -93.05
N LEU K 17 0.24 24.86 -92.74
CA LEU K 17 1.50 25.45 -93.16
C LEU K 17 2.67 24.55 -92.76
N GLY K 18 2.61 23.98 -91.57
CA GLY K 18 3.60 23.01 -91.17
C GLY K 18 3.22 21.63 -91.68
N ALA K 19 3.85 21.22 -92.77
CA ALA K 19 3.49 19.98 -93.44
C ALA K 19 4.70 19.45 -94.19
N ASP K 20 4.63 18.17 -94.56
CA ASP K 20 5.68 17.53 -95.33
C ASP K 20 5.42 17.79 -96.81
N THR K 21 5.85 18.97 -97.27
CA THR K 21 5.87 19.22 -98.71
C THR K 21 6.90 18.31 -99.39
N SER K 22 7.94 17.91 -98.64
CA SER K 22 8.99 17.09 -99.21
C SER K 22 8.48 15.69 -99.54
N VAL K 23 8.92 15.19 -100.69
CA VAL K 23 8.71 13.81 -101.09
C VAL K 23 10.00 13.33 -101.72
N ASP K 24 10.42 12.12 -101.36
CA ASP K 24 11.73 11.61 -101.76
C ASP K 24 11.62 10.11 -101.96
N LEU K 25 12.76 9.50 -102.29
CA LEU K 25 12.80 8.07 -102.60
C LEU K 25 12.94 7.25 -101.32
N GLU K 26 12.59 5.97 -101.43
CA GLU K 26 12.56 5.10 -100.27
C GLU K 26 12.47 3.64 -100.71
N GLU K 27 13.30 2.81 -100.12
CA GLU K 27 13.22 1.37 -100.35
C GLU K 27 11.83 0.87 -99.96
N THR K 28 11.22 0.05 -100.82
CA THR K 28 9.83 -0.35 -100.66
C THR K 28 9.68 -1.85 -100.84
N GLY K 29 8.50 -2.34 -100.48
CA GLY K 29 8.20 -3.75 -100.58
C GLY K 29 6.73 -3.96 -100.89
N ARG K 30 6.44 -5.17 -101.34
CA ARG K 30 5.10 -5.57 -101.74
C ARG K 30 4.53 -6.52 -100.70
N VAL K 31 3.28 -6.32 -100.31
CA VAL K 31 2.69 -7.15 -99.26
C VAL K 31 2.40 -8.51 -99.86
N LEU K 32 3.32 -9.46 -99.66
CA LEU K 32 3.14 -10.80 -100.22
C LEU K 32 1.79 -11.38 -99.82
N SER K 33 1.48 -11.36 -98.53
CA SER K 33 0.20 -11.86 -98.06
C SER K 33 -0.03 -11.35 -96.65
N ILE K 34 -1.28 -11.50 -96.20
CA ILE K 34 -1.69 -10.97 -94.90
C ILE K 34 -2.47 -12.04 -94.15
N GLY K 35 -2.35 -12.00 -92.82
CA GLY K 35 -3.06 -12.92 -91.96
C GLY K 35 -2.71 -12.73 -90.50
N ASP K 36 -3.66 -13.03 -89.62
CA ASP K 36 -3.47 -13.07 -88.17
C ASP K 36 -2.47 -12.02 -87.70
N GLY K 37 -2.71 -10.78 -88.13
CA GLY K 37 -1.88 -9.67 -87.71
C GLY K 37 -0.43 -9.74 -88.12
N ILE K 38 -0.13 -10.28 -89.31
CA ILE K 38 1.23 -10.38 -89.82
C ILE K 38 1.19 -10.13 -91.31
N ALA K 39 2.27 -9.54 -91.84
CA ALA K 39 2.35 -9.24 -93.26
C ALA K 39 3.74 -9.62 -93.78
N ARG K 40 3.79 -10.63 -94.62
CA ARG K 40 5.00 -10.96 -95.35
C ARG K 40 5.18 -9.93 -96.46
N VAL K 41 6.42 -9.68 -96.85
CA VAL K 41 6.70 -8.63 -97.82
C VAL K 41 7.86 -9.03 -98.71
N HIS K 42 7.65 -8.88 -100.01
CA HIS K 42 8.70 -9.07 -101.00
C HIS K 42 9.46 -7.77 -101.19
N GLY K 43 10.72 -7.89 -101.61
CA GLY K 43 11.58 -6.73 -101.74
C GLY K 43 12.23 -6.37 -100.43
N LEU K 44 12.82 -5.18 -100.35
CA LEU K 44 13.38 -4.68 -99.10
C LEU K 44 14.55 -5.55 -98.64
N ARG K 45 15.52 -5.75 -99.53
CA ARG K 45 16.73 -6.44 -99.09
C ARG K 45 17.45 -5.64 -98.02
N ASN K 46 17.69 -4.36 -98.28
CA ASN K 46 18.49 -3.53 -97.39
C ASN K 46 17.75 -3.10 -96.14
N VAL K 47 16.46 -3.43 -96.02
CA VAL K 47 15.73 -3.14 -94.79
C VAL K 47 16.48 -3.82 -93.66
N GLN K 48 16.92 -3.05 -92.68
CA GLN K 48 17.74 -3.60 -91.60
C GLN K 48 16.85 -4.34 -90.60
N ALA K 49 17.50 -5.06 -89.69
CA ALA K 49 16.79 -5.81 -88.67
C ALA K 49 16.01 -4.87 -87.75
N GLU K 50 14.95 -5.41 -87.15
CA GLU K 50 14.11 -4.68 -86.20
C GLU K 50 13.90 -3.23 -86.68
N GLU K 51 13.50 -3.11 -87.94
CA GLU K 51 13.38 -1.80 -88.58
C GLU K 51 11.94 -1.32 -88.57
N MET K 52 11.79 0.00 -88.63
CA MET K 52 10.50 0.66 -88.74
C MET K 52 10.07 0.68 -90.19
N VAL K 53 8.78 0.45 -90.42
CA VAL K 53 8.26 0.42 -91.78
C VAL K 53 6.88 1.04 -91.78
N GLU K 54 6.54 1.70 -92.88
CA GLU K 54 5.29 2.43 -93.02
C GLU K 54 4.50 1.86 -94.18
N PHE K 55 3.18 1.84 -94.05
CA PHE K 55 2.32 1.14 -94.98
C PHE K 55 1.73 2.11 -96.00
N SER K 56 1.08 1.54 -97.02
CA SER K 56 0.30 2.35 -97.93
C SER K 56 -0.71 3.20 -97.19
N SER K 57 -1.27 2.69 -96.10
CA SER K 57 -2.12 3.47 -95.22
C SER K 57 -1.32 4.26 -94.20
N GLY K 58 -0.01 4.41 -94.42
CA GLY K 58 0.83 5.07 -93.45
C GLY K 58 0.90 4.37 -92.10
N LEU K 59 0.27 3.21 -91.99
CA LEU K 59 0.16 2.50 -90.72
C LEU K 59 1.50 1.83 -90.44
N LYS K 60 2.11 2.18 -89.31
CA LYS K 60 3.44 1.71 -88.97
C LYS K 60 3.44 0.23 -88.59
N GLY K 61 4.59 -0.40 -88.81
CA GLY K 61 4.87 -1.75 -88.37
C GLY K 61 6.37 -1.88 -88.19
N MET K 62 6.78 -3.07 -87.78
CA MET K 62 8.18 -3.36 -87.52
C MET K 62 8.55 -4.68 -88.20
N SER K 63 9.80 -4.77 -88.65
CA SER K 63 10.33 -5.95 -89.31
C SER K 63 11.46 -6.53 -88.48
N LEU K 64 11.38 -7.83 -88.19
CA LEU K 64 12.29 -8.51 -87.26
C LEU K 64 13.14 -9.59 -87.93
N ASN K 65 12.52 -10.53 -88.63
CA ASN K 65 13.26 -11.64 -89.22
C ASN K 65 13.63 -11.31 -90.66
N LEU K 66 14.92 -11.08 -90.89
CA LEU K 66 15.43 -10.62 -92.19
C LEU K 66 15.73 -11.83 -93.07
N GLU K 67 14.67 -12.47 -93.55
CA GLU K 67 14.95 -13.48 -94.57
C GLU K 67 15.43 -12.79 -95.85
N PRO K 68 16.41 -13.35 -96.57
CA PRO K 68 16.89 -12.66 -97.77
C PRO K 68 15.81 -12.40 -98.80
N ASP K 69 15.10 -13.44 -99.25
CA ASP K 69 14.05 -13.29 -100.25
C ASP K 69 13.00 -12.26 -99.87
N ASN K 70 12.68 -12.13 -98.59
CA ASN K 70 11.54 -11.33 -98.18
C ASN K 70 11.62 -11.13 -96.66
N VAL K 71 10.71 -10.31 -96.14
CA VAL K 71 10.74 -9.90 -94.75
C VAL K 71 9.33 -9.91 -94.19
N GLY K 72 9.17 -10.56 -93.04
CA GLY K 72 7.92 -10.47 -92.31
C GLY K 72 7.84 -9.16 -91.56
N VAL K 73 6.61 -8.76 -91.22
CA VAL K 73 6.38 -7.50 -90.53
C VAL K 73 5.14 -7.63 -89.67
N VAL K 74 5.13 -6.91 -88.55
CA VAL K 74 4.02 -6.89 -87.61
C VAL K 74 3.53 -5.45 -87.49
N VAL K 75 2.21 -5.27 -87.59
CA VAL K 75 1.63 -3.94 -87.68
C VAL K 75 1.32 -3.41 -86.29
N PHE K 76 1.25 -2.08 -86.15
CA PHE K 76 0.84 -1.44 -84.91
C PHE K 76 -0.64 -1.08 -84.97
N GLY K 77 -1.47 -2.09 -85.18
CA GLY K 77 -2.90 -1.90 -85.07
C GLY K 77 -3.66 -2.68 -86.11
N ASN K 78 -4.94 -2.33 -86.24
CA ASN K 78 -5.84 -3.00 -87.17
C ASN K 78 -5.24 -3.00 -88.57
N ASP K 79 -5.51 -4.08 -89.31
CA ASP K 79 -4.92 -4.29 -90.61
C ASP K 79 -5.92 -4.75 -91.67
N LYS K 80 -7.20 -4.89 -91.35
CA LYS K 80 -8.18 -5.27 -92.36
C LYS K 80 -8.15 -4.28 -93.52
N LEU K 81 -7.91 -2.99 -93.21
CA LEU K 81 -7.70 -2.02 -94.26
C LEU K 81 -6.63 -2.49 -95.22
N ILE K 82 -5.51 -2.98 -94.70
CA ILE K 82 -4.44 -3.50 -95.56
C ILE K 82 -4.97 -4.70 -96.33
N LYS K 83 -4.35 -4.98 -97.47
CA LYS K 83 -4.70 -6.13 -98.29
C LYS K 83 -3.43 -6.68 -98.90
N GLU K 84 -3.50 -7.95 -99.30
CA GLU K 84 -2.34 -8.62 -99.87
C GLU K 84 -1.83 -7.85 -101.09
N GLY K 85 -0.52 -7.68 -101.15
CA GLY K 85 0.11 -7.03 -102.29
C GLY K 85 0.35 -5.55 -102.15
N ASP K 86 -0.22 -4.90 -101.13
CA ASP K 86 -0.10 -3.46 -100.99
C ASP K 86 1.38 -3.07 -100.87
N ILE K 87 1.63 -1.77 -100.98
CA ILE K 87 2.98 -1.23 -100.92
C ILE K 87 3.30 -0.90 -99.47
N VAL K 88 4.57 -1.05 -99.11
CA VAL K 88 5.07 -0.68 -97.79
C VAL K 88 6.40 0.02 -97.98
N LYS K 89 6.66 1.04 -97.17
CA LYS K 89 7.87 1.83 -97.25
C LYS K 89 8.59 1.71 -95.91
N ARG K 90 9.91 1.78 -95.94
CA ARG K 90 10.70 1.73 -94.71
C ARG K 90 11.18 3.13 -94.36
N THR K 91 10.86 3.58 -93.15
CA THR K 91 11.31 4.88 -92.68
C THR K 91 12.82 4.96 -92.61
N GLY K 92 13.52 3.82 -92.58
CA GLY K 92 14.93 3.84 -92.25
C GLY K 92 15.11 4.33 -90.84
N ALA K 93 14.31 3.78 -89.91
CA ALA K 93 14.33 4.19 -88.52
C ALA K 93 14.18 2.96 -87.63
N ILE K 94 14.30 3.19 -86.32
CA ILE K 94 14.18 2.11 -85.35
C ILE K 94 13.05 2.41 -84.39
#